data_9CR1
#
_entry.id   9CR1
#
_cell.length_a   72.144
_cell.length_b   149.607
_cell.length_c   138.232
_cell.angle_alpha   90.00
_cell.angle_beta   89.98
_cell.angle_gamma   90.00
#
_symmetry.space_group_name_H-M   'C 1 2 1'
#
loop_
_entity.id
_entity.type
_entity.pdbx_description
1 polymer 'Histidine racemase'
2 non-polymer 'SULFATE ION'
3 water water
#
_entity_poly.entity_id   1
_entity_poly.type   'polypeptide(L)'
_entity_poly.pdbx_seq_one_letter_code
;MDRKVQVLDFIKINPAGNITILIDNFDIYDKNIPKLSEEIMKETNLYAEQVGFIKDSHLQMMGGEFSGNASRAFASLLAF
RDKDFSKQKNYNITCSGESKVLDVDVRNDGAKNKFLAKIKMPKFLSLEEINVDEYKLGLVRFSGINHFIFNIKENKETSF
ENIIDLVKKYLSNEEYSAFGIMFFDSDNLSMKPYVYVKEVGSGVYENSCASGTTALGYYLKKCKNLDRAKIVQPNGWLEY
IIENDEMYIDGPVEIIAEGKIYIGKHHHHHH
;
_entity_poly.pdbx_strand_id   A,B,C,D
#
loop_
_chem_comp.id
_chem_comp.type
_chem_comp.name
_chem_comp.formula
SO4 non-polymer 'SULFATE ION' 'O4 S -2'
#
# COMPACT_ATOMS: atom_id res chain seq x y z
N ARG A 3 -15.09 -13.34 18.33
CA ARG A 3 -16.19 -12.53 17.82
C ARG A 3 -15.89 -12.01 16.42
N LYS A 4 -16.87 -11.37 15.80
CA LYS A 4 -16.74 -10.87 14.44
C LYS A 4 -16.13 -9.47 14.46
N VAL A 5 -15.11 -9.26 13.64
CA VAL A 5 -14.50 -7.95 13.44
C VAL A 5 -15.15 -7.31 12.22
N GLN A 6 -15.72 -6.13 12.40
CA GLN A 6 -16.34 -5.40 11.30
C GLN A 6 -15.33 -4.44 10.69
N VAL A 7 -15.14 -4.53 9.38
CA VAL A 7 -14.18 -3.71 8.65
C VAL A 7 -14.95 -2.63 7.91
N LEU A 8 -14.66 -1.37 8.24
CA LEU A 8 -15.32 -0.23 7.64
C LEU A 8 -14.33 0.57 6.79
N ASP A 9 -14.87 1.28 5.81
CA ASP A 9 -14.08 2.17 4.96
C ASP A 9 -14.12 3.57 5.57
N PHE A 10 -12.96 4.12 5.90
CA PHE A 10 -12.87 5.39 6.59
C PHE A 10 -12.08 6.38 5.76
N ILE A 11 -12.37 7.66 5.99
CA ILE A 11 -11.56 8.77 5.50
C ILE A 11 -11.45 9.77 6.65
N LYS A 12 -10.22 10.09 7.05
CA LYS A 12 -9.98 11.06 8.12
C LYS A 12 -9.62 12.38 7.48
N ILE A 13 -10.25 13.45 7.95
CA ILE A 13 -10.13 14.78 7.35
C ILE A 13 -10.02 15.80 8.47
N ASN A 14 -9.21 16.83 8.26
CA ASN A 14 -9.06 17.94 9.21
C ASN A 14 -9.73 19.19 8.64
N PRO A 15 -11.03 19.37 8.84
CA PRO A 15 -11.66 20.66 8.49
C PRO A 15 -11.40 21.71 9.56
N ALA A 16 -10.38 22.53 9.36
CA ALA A 16 -10.02 23.60 10.28
C ALA A 16 -10.06 23.12 11.74
N GLY A 17 -9.44 21.97 11.98
CA GLY A 17 -9.28 21.45 13.32
C GLY A 17 -10.41 20.57 13.81
N ASN A 18 -11.60 20.66 13.20
CA ASN A 18 -12.76 19.87 13.63
C ASN A 18 -12.63 18.48 13.04
N ILE A 19 -11.78 17.66 13.67
CA ILE A 19 -11.41 16.36 13.13
C ILE A 19 -12.65 15.53 12.83
N THR A 20 -12.78 15.10 11.57
CA THR A 20 -13.94 14.38 11.08
C THR A 20 -13.50 13.08 10.42
N ILE A 21 -14.21 12.00 10.73
CA ILE A 21 -14.05 10.72 10.04
C ILE A 21 -15.33 10.45 9.27
N LEU A 22 -15.19 10.05 8.00
CA LEU A 22 -16.33 9.70 7.16
C LEU A 22 -16.26 8.22 6.84
N ILE A 23 -17.35 7.50 7.11
CA ILE A 23 -17.44 6.07 6.86
C ILE A 23 -18.18 5.87 5.54
N ASP A 24 -17.55 5.17 4.61
CA ASP A 24 -18.07 4.96 3.27
C ASP A 24 -18.55 3.53 3.11
N ASN A 25 -19.45 3.32 2.15
CA ASN A 25 -19.95 1.99 1.82
C ASN A 25 -20.63 1.33 3.01
N PHE A 26 -21.31 2.12 3.83
CA PHE A 26 -21.98 1.68 5.02
C PHE A 26 -23.44 2.14 4.97
N ASP A 27 -24.34 1.32 5.49
CA ASP A 27 -25.74 1.71 5.59
C ASP A 27 -25.87 2.99 6.41
N ILE A 28 -26.12 4.12 5.74
CA ILE A 28 -26.14 5.40 6.42
C ILE A 28 -27.26 5.48 7.44
N TYR A 29 -28.23 4.59 7.37
CA TYR A 29 -29.34 4.53 8.32
C TYR A 29 -29.24 3.33 9.25
N ASP A 30 -28.03 2.82 9.46
CA ASP A 30 -27.85 1.69 10.38
C ASP A 30 -28.20 2.12 11.79
N LYS A 31 -28.78 1.19 12.56
CA LYS A 31 -29.23 1.50 13.91
C LYS A 31 -28.05 1.74 14.84
N ASN A 32 -26.95 0.99 14.67
CA ASN A 32 -25.84 1.01 15.61
C ASN A 32 -24.90 2.19 15.39
N ILE A 33 -25.20 3.04 14.38
CA ILE A 33 -24.31 4.16 14.07
C ILE A 33 -23.82 4.89 15.32
N PRO A 34 -24.68 5.26 16.26
CA PRO A 34 -24.18 6.04 17.40
C PRO A 34 -23.24 5.23 18.29
N LYS A 35 -23.43 3.92 18.39
CA LYS A 35 -22.56 3.11 19.24
C LYS A 35 -21.17 2.99 18.63
N LEU A 36 -21.07 2.57 17.37
CA LEU A 36 -19.75 2.46 16.77
C LEU A 36 -19.13 3.83 16.50
N SER A 37 -19.94 4.88 16.37
CA SER A 37 -19.40 6.21 16.14
C SER A 37 -18.56 6.68 17.33
N GLU A 38 -19.08 6.51 18.55
CA GLU A 38 -18.29 6.86 19.72
C GLU A 38 -17.04 6.01 19.81
N GLU A 39 -17.12 4.76 19.36
CA GLU A 39 -15.93 3.91 19.33
C GLU A 39 -14.90 4.45 18.34
N ILE A 40 -15.35 4.83 17.15
CA ILE A 40 -14.46 5.38 16.13
C ILE A 40 -13.74 6.62 16.63
N MET A 41 -14.30 7.32 17.63
CA MET A 41 -13.79 8.64 18.01
C MET A 41 -12.81 8.61 19.19
N LYS A 42 -12.84 7.57 20.02
CA LYS A 42 -12.00 7.52 21.20
C LYS A 42 -10.52 7.66 20.82
N GLU A 43 -9.72 8.10 21.81
CA GLU A 43 -8.28 8.13 21.61
C GLU A 43 -7.70 6.73 21.45
N THR A 44 -8.31 5.74 22.09
CA THR A 44 -7.90 4.34 21.99
C THR A 44 -8.30 3.70 20.67
N ASN A 45 -8.77 4.51 19.73
CA ASN A 45 -9.06 4.09 18.35
C ASN A 45 -8.51 5.19 17.46
N LEU A 46 -9.06 5.33 16.25
CA LEU A 46 -8.82 6.55 15.49
C LEU A 46 -9.45 7.71 16.27
N TYR A 47 -8.71 8.81 16.39
CA TYR A 47 -9.27 9.97 17.09
C TYR A 47 -10.27 10.68 16.18
N ALA A 48 -11.18 11.43 16.80
CA ALA A 48 -12.16 12.21 16.05
C ALA A 48 -13.03 13.09 16.96
N GLU A 49 -13.34 14.29 16.48
CA GLU A 49 -14.31 15.17 17.13
C GLU A 49 -15.73 14.94 16.62
N GLN A 50 -15.88 14.37 15.43
CA GLN A 50 -17.19 14.00 14.91
C GLN A 50 -16.98 12.97 13.80
N VAL A 51 -18.07 12.33 13.39
CA VAL A 51 -18.03 11.26 12.40
C VAL A 51 -19.33 11.26 11.61
N GLY A 52 -19.21 10.96 10.31
CA GLY A 52 -20.37 10.89 9.45
C GLY A 52 -20.29 9.70 8.52
N PHE A 53 -21.42 9.40 7.88
CA PHE A 53 -21.57 8.24 7.01
C PHE A 53 -22.13 8.71 5.67
N ILE A 54 -21.31 8.66 4.63
CA ILE A 54 -21.65 9.25 3.35
C ILE A 54 -22.24 8.18 2.43
N LYS A 55 -23.12 8.64 1.52
CA LYS A 55 -23.72 7.77 0.52
C LYS A 55 -24.02 8.62 -0.70
N ASP A 56 -23.40 8.30 -1.83
CA ASP A 56 -23.48 9.18 -3.00
C ASP A 56 -23.14 10.59 -2.55
N SER A 57 -24.04 11.55 -2.75
CA SER A 57 -23.73 12.93 -2.41
C SER A 57 -24.30 13.37 -1.06
N HIS A 58 -24.81 12.44 -0.25
CA HIS A 58 -25.34 12.76 1.07
C HIS A 58 -24.32 12.47 2.16
N LEU A 59 -24.43 13.21 3.26
CA LEU A 59 -23.62 13.00 4.46
C LEU A 59 -24.57 12.83 5.64
N GLN A 60 -24.61 11.62 6.19
CA GLN A 60 -25.50 11.30 7.32
C GLN A 60 -24.65 11.34 8.58
N MET A 61 -24.74 12.44 9.32
CA MET A 61 -24.00 12.56 10.57
C MET A 61 -24.54 11.56 11.58
N MET A 62 -23.70 11.25 12.58
CA MET A 62 -24.03 10.18 13.52
C MET A 62 -25.36 10.40 14.20
N GLY A 63 -25.73 11.66 14.46
CA GLY A 63 -26.97 11.95 15.16
C GLY A 63 -27.95 12.81 14.37
N GLY A 64 -27.91 12.70 13.04
CA GLY A 64 -28.82 13.46 12.21
C GLY A 64 -28.61 14.96 12.28
N GLU A 65 -27.52 15.39 12.89
CA GLU A 65 -27.22 16.80 13.02
C GLU A 65 -26.62 17.34 11.73
N PHE A 66 -26.80 18.64 11.51
CA PHE A 66 -26.07 19.34 10.45
C PHE A 66 -24.75 19.85 10.99
N SER A 67 -23.68 19.67 10.21
CA SER A 67 -22.36 20.16 10.58
C SER A 67 -21.74 20.84 9.37
N GLY A 68 -21.49 22.14 9.48
CA GLY A 68 -20.84 22.85 8.39
C GLY A 68 -19.44 22.36 8.13
N ASN A 69 -18.68 22.11 9.20
CA ASN A 69 -17.30 21.64 9.04
C ASN A 69 -17.26 20.26 8.38
N ALA A 70 -18.16 19.37 8.79
CA ALA A 70 -18.20 18.05 8.18
C ALA A 70 -18.62 18.10 6.72
N SER A 71 -19.60 18.95 6.39
CA SER A 71 -20.02 19.08 4.99
C SER A 71 -18.89 19.62 4.13
N ARG A 72 -18.07 20.52 4.69
CA ARG A 72 -16.93 21.03 3.94
C ARG A 72 -15.86 19.95 3.77
N ALA A 73 -15.68 19.09 4.78
CA ALA A 73 -14.77 17.96 4.63
C ALA A 73 -15.24 17.02 3.53
N PHE A 74 -16.53 16.70 3.53
CA PHE A 74 -17.09 15.85 2.48
C PHE A 74 -16.91 16.49 1.10
N ALA A 75 -17.09 17.81 1.00
CA ALA A 75 -16.93 18.45 -0.30
C ALA A 75 -15.48 18.44 -0.73
N SER A 76 -14.55 18.62 0.22
CA SER A 76 -13.13 18.54 -0.12
C SER A 76 -12.74 17.12 -0.50
N LEU A 77 -13.47 16.12 0.02
CA LEU A 77 -13.16 14.74 -0.33
C LEU A 77 -13.60 14.41 -1.75
N LEU A 78 -14.73 14.97 -2.19
CA LEU A 78 -15.19 14.74 -3.55
C LEU A 78 -14.27 15.40 -4.57
N ALA A 79 -13.67 16.54 -4.22
CA ALA A 79 -12.67 17.14 -5.09
C ALA A 79 -11.41 16.28 -5.12
N PHE A 80 -10.99 15.80 -3.95
CA PHE A 80 -9.83 14.92 -3.86
C PHE A 80 -9.97 13.70 -4.77
N ARG A 81 -11.20 13.21 -4.97
CA ARG A 81 -11.44 12.01 -5.74
C ARG A 81 -11.93 12.29 -7.15
N ASP A 82 -11.98 13.56 -7.57
CA ASP A 82 -12.55 13.95 -8.85
C ASP A 82 -11.43 14.12 -9.88
N LYS A 83 -11.46 13.29 -10.92
CA LYS A 83 -10.44 13.38 -11.96
C LYS A 83 -10.40 14.77 -12.59
N ASP A 84 -11.54 15.47 -12.61
CA ASP A 84 -11.68 16.74 -13.32
C ASP A 84 -11.34 17.96 -12.46
N PHE A 85 -11.18 17.79 -11.15
CA PHE A 85 -10.85 18.94 -10.31
C PHE A 85 -9.49 19.50 -10.69
N SER A 86 -9.45 20.82 -10.90
CA SER A 86 -8.19 21.50 -11.19
C SER A 86 -7.90 22.41 -10.02
N LYS A 87 -8.30 23.68 -10.06
CA LYS A 87 -8.12 24.60 -8.93
C LYS A 87 -9.41 24.89 -8.18
N GLN A 88 -10.53 25.04 -8.90
CA GLN A 88 -11.81 25.40 -8.30
C GLN A 88 -12.93 24.56 -8.92
N LYS A 89 -13.90 24.19 -8.09
CA LYS A 89 -15.07 23.47 -8.57
C LYS A 89 -16.16 23.43 -7.50
N ASN A 90 -17.38 23.78 -7.87
CA ASN A 90 -18.51 23.74 -6.96
C ASN A 90 -19.09 22.33 -6.91
N TYR A 91 -19.36 21.84 -5.70
CA TYR A 91 -19.89 20.51 -5.50
C TYR A 91 -21.20 20.60 -4.73
N ASN A 92 -22.25 19.96 -5.26
CA ASN A 92 -23.56 19.96 -4.63
C ASN A 92 -23.69 18.72 -3.75
N ILE A 93 -24.09 18.92 -2.49
CA ILE A 93 -24.20 17.85 -1.52
C ILE A 93 -25.43 18.10 -0.64
N THR A 94 -25.78 17.08 0.14
CA THR A 94 -26.85 17.16 1.12
C THR A 94 -26.33 16.65 2.46
N CYS A 95 -26.89 17.21 3.54
CA CYS A 95 -26.49 16.86 4.90
C CYS A 95 -27.73 16.74 5.77
N SER A 96 -27.69 15.79 6.71
CA SER A 96 -28.77 15.65 7.67
C SER A 96 -28.86 16.90 8.55
N GLY A 97 -30.07 17.45 8.67
CA GLY A 97 -30.29 18.66 9.44
C GLY A 97 -30.45 19.91 8.60
N GLU A 98 -30.11 19.87 7.31
CA GLU A 98 -30.36 20.94 6.37
C GLU A 98 -31.21 20.36 5.25
N SER A 99 -32.30 21.03 4.91
CA SER A 99 -33.21 20.54 3.88
C SER A 99 -32.80 20.94 2.48
N LYS A 100 -31.98 21.98 2.34
CA LYS A 100 -31.61 22.48 1.03
C LYS A 100 -30.30 21.84 0.56
N VAL A 101 -30.19 21.66 -0.76
CA VAL A 101 -28.94 21.23 -1.35
C VAL A 101 -27.88 22.30 -1.10
N LEU A 102 -26.70 21.87 -0.70
CA LEU A 102 -25.61 22.79 -0.36
C LEU A 102 -24.62 22.85 -1.50
N ASP A 103 -24.43 24.05 -2.06
CA ASP A 103 -23.48 24.28 -3.14
C ASP A 103 -22.17 24.75 -2.52
N VAL A 104 -21.24 23.82 -2.32
CA VAL A 104 -19.97 24.09 -1.66
C VAL A 104 -18.93 24.48 -2.70
N ASP A 105 -18.27 25.62 -2.48
CA ASP A 105 -17.21 26.10 -3.35
C ASP A 105 -15.87 25.63 -2.81
N VAL A 106 -15.28 24.64 -3.48
CA VAL A 106 -14.03 24.03 -3.07
C VAL A 106 -12.91 24.54 -3.96
N ARG A 107 -11.80 24.95 -3.35
CA ARG A 107 -10.63 25.42 -4.08
C ARG A 107 -9.38 24.77 -3.49
N ASN A 108 -8.33 24.71 -4.30
CA ASN A 108 -7.06 24.13 -3.87
C ASN A 108 -6.34 25.10 -2.94
N ASP A 109 -5.72 24.56 -1.90
CA ASP A 109 -5.01 25.37 -0.90
C ASP A 109 -3.57 24.87 -0.76
N GLY A 110 -2.85 24.84 -1.89
CA GLY A 110 -1.47 24.39 -1.91
C GLY A 110 -1.31 22.96 -2.38
N ALA A 111 -1.16 22.04 -1.44
CA ALA A 111 -0.98 20.63 -1.78
C ALA A 111 -2.27 20.02 -2.30
N LYS A 112 -2.12 18.86 -2.95
CA LYS A 112 -3.28 18.18 -3.54
C LYS A 112 -4.24 17.66 -2.48
N ASN A 113 -3.76 17.41 -1.27
CA ASN A 113 -4.61 16.99 -0.18
C ASN A 113 -5.21 18.18 0.59
N LYS A 114 -4.72 19.39 0.34
CA LYS A 114 -5.17 20.59 1.02
C LYS A 114 -6.15 21.36 0.14
N PHE A 115 -7.19 21.90 0.76
CA PHE A 115 -8.27 22.57 0.05
C PHE A 115 -8.76 23.77 0.86
N LEU A 116 -9.68 24.54 0.28
CA LEU A 116 -10.41 25.59 0.98
C LEU A 116 -11.86 25.45 0.57
N ALA A 117 -12.75 25.26 1.56
CA ALA A 117 -14.15 24.96 1.29
C ALA A 117 -15.03 26.04 1.92
N LYS A 118 -15.94 26.60 1.12
CA LYS A 118 -16.93 27.58 1.57
C LYS A 118 -18.32 26.96 1.44
N ILE A 119 -19.18 27.24 2.42
CA ILE A 119 -20.50 26.60 2.50
C ILE A 119 -21.50 27.60 3.07
N LYS A 120 -22.73 27.55 2.56
CA LYS A 120 -23.80 28.40 3.08
C LYS A 120 -24.29 27.87 4.42
N MET A 121 -24.38 28.76 5.42
CA MET A 121 -24.77 28.33 6.75
C MET A 121 -26.20 28.74 7.06
N PRO A 122 -26.95 27.89 7.80
CA PRO A 122 -28.33 28.26 8.15
C PRO A 122 -28.45 29.67 8.73
N LYS A 123 -29.65 30.25 8.62
CA LYS A 123 -29.94 31.54 9.21
C LYS A 123 -30.33 31.39 10.68
N PHE A 124 -30.15 32.47 11.44
CA PHE A 124 -30.53 32.47 12.84
C PHE A 124 -32.02 32.73 13.00
N LEU A 125 -32.57 32.25 14.10
CA LEU A 125 -33.98 32.46 14.39
C LEU A 125 -34.24 33.70 15.23
N SER A 126 -33.27 34.13 16.03
CA SER A 126 -33.41 35.32 16.85
C SER A 126 -32.04 35.78 17.30
N LEU A 127 -31.91 37.08 17.50
CA LEU A 127 -30.66 37.70 17.95
C LEU A 127 -31.00 38.63 19.12
N GLU A 128 -30.57 38.27 20.32
CA GLU A 128 -30.81 39.03 21.52
C GLU A 128 -29.50 39.43 22.18
N GLU A 129 -29.50 40.61 22.79
CA GLU A 129 -28.41 41.07 23.66
C GLU A 129 -28.95 41.02 25.08
N ILE A 130 -28.39 40.15 25.91
CA ILE A 130 -28.95 39.86 27.22
C ILE A 130 -27.96 40.26 28.31
N ASN A 131 -28.49 40.74 29.42
CA ASN A 131 -27.72 41.07 30.62
C ASN A 131 -28.08 40.04 31.69
N VAL A 132 -27.11 39.20 32.04
CA VAL A 132 -27.30 38.15 33.04
C VAL A 132 -26.47 38.51 34.26
N ASP A 133 -27.13 38.72 35.40
CA ASP A 133 -26.44 39.15 36.61
C ASP A 133 -25.65 40.40 36.31
N GLU A 134 -24.33 40.36 36.46
CA GLU A 134 -23.48 41.51 36.19
C GLU A 134 -22.60 41.28 34.96
N TYR A 135 -23.08 40.50 34.00
CA TYR A 135 -22.37 40.25 32.76
C TYR A 135 -23.28 40.53 31.57
N LYS A 136 -22.72 41.14 30.53
CA LYS A 136 -23.38 41.24 29.24
C LYS A 136 -23.04 39.98 28.46
N LEU A 137 -24.04 39.40 27.79
CA LEU A 137 -23.81 38.28 26.88
C LEU A 137 -24.56 38.50 25.58
N GLY A 138 -24.05 37.90 24.51
CA GLY A 138 -24.76 37.80 23.25
C GLY A 138 -25.47 36.47 23.16
N LEU A 139 -26.64 36.46 22.52
CA LEU A 139 -27.45 35.25 22.42
C LEU A 139 -27.99 35.13 21.01
N VAL A 140 -27.68 34.03 20.35
CA VAL A 140 -28.14 33.74 18.99
C VAL A 140 -28.79 32.37 19.01
N ARG A 141 -30.08 32.33 18.70
CA ARG A 141 -30.85 31.08 18.73
C ARG A 141 -30.94 30.50 17.32
N PHE A 142 -30.51 29.26 17.18
CA PHE A 142 -30.61 28.52 15.94
C PHE A 142 -31.59 27.37 16.11
N SER A 143 -31.78 26.60 15.05
CA SER A 143 -32.60 25.39 15.10
C SER A 143 -31.73 24.26 15.61
N GLY A 144 -31.88 23.93 16.90
CA GLY A 144 -31.14 22.84 17.49
C GLY A 144 -30.23 23.24 18.62
N ILE A 145 -29.51 24.35 18.46
CA ILE A 145 -28.52 24.79 19.43
C ILE A 145 -28.64 26.29 19.61
N ASN A 146 -28.40 26.76 20.84
CA ASN A 146 -28.40 28.18 21.18
C ASN A 146 -26.98 28.60 21.52
N HIS A 147 -26.42 29.49 20.71
CA HIS A 147 -25.08 30.02 20.93
C HIS A 147 -25.14 31.25 21.82
N PHE A 148 -24.21 31.33 22.76
CA PHE A 148 -24.03 32.50 23.61
C PHE A 148 -22.67 33.13 23.32
N ILE A 149 -22.65 34.45 23.19
CA ILE A 149 -21.44 35.20 22.88
C ILE A 149 -21.01 35.93 24.14
N PHE A 150 -19.92 35.45 24.76
CA PHE A 150 -19.33 36.11 25.92
C PHE A 150 -18.06 36.82 25.45
N ASN A 151 -18.09 38.15 25.45
CA ASN A 151 -16.95 38.97 25.03
C ASN A 151 -16.04 39.17 26.22
N ILE A 152 -14.83 38.60 26.15
CA ILE A 152 -13.90 38.65 27.27
C ILE A 152 -13.59 40.08 27.66
N LYS A 153 -13.17 40.89 26.68
CA LYS A 153 -12.75 42.26 26.98
C LYS A 153 -13.90 43.11 27.48
N GLU A 154 -15.04 43.06 26.77
CA GLU A 154 -16.18 43.90 27.12
C GLU A 154 -16.77 43.56 28.48
N ASN A 155 -16.35 42.47 29.10
CA ASN A 155 -16.85 42.06 30.40
C ASN A 155 -15.75 42.15 31.45
N LYS A 156 -16.16 42.01 32.71
CA LYS A 156 -15.22 42.03 33.81
C LYS A 156 -14.51 40.68 33.94
N GLU A 157 -13.36 40.71 34.63
CA GLU A 157 -12.59 39.49 34.86
C GLU A 157 -13.48 38.41 35.46
N THR A 158 -13.26 37.18 35.01
CA THR A 158 -14.01 36.05 35.53
C THR A 158 -13.42 34.76 34.98
N SER A 159 -13.75 33.66 35.64
CA SER A 159 -13.39 32.34 35.16
C SER A 159 -14.47 31.84 34.21
N PHE A 160 -14.02 31.21 33.11
CA PHE A 160 -14.94 30.56 32.19
C PHE A 160 -15.99 29.77 32.95
N GLU A 161 -15.55 28.99 33.94
CA GLU A 161 -16.44 28.06 34.63
C GLU A 161 -17.62 28.79 35.25
N ASN A 162 -17.38 29.97 35.83
CA ASN A 162 -18.47 30.77 36.37
C ASN A 162 -19.50 31.08 35.30
N ILE A 163 -19.06 31.29 34.05
CA ILE A 163 -19.98 31.64 32.98
C ILE A 163 -20.74 30.42 32.50
N ILE A 164 -20.04 29.30 32.30
CA ILE A 164 -20.71 28.08 31.88
C ILE A 164 -21.83 27.73 32.85
N ASP A 165 -21.58 27.92 34.15
CA ASP A 165 -22.63 27.71 35.15
C ASP A 165 -23.71 28.77 35.05
N LEU A 166 -23.32 30.04 34.91
CA LEU A 166 -24.31 31.11 34.83
C LEU A 166 -25.23 30.92 33.65
N VAL A 167 -24.67 30.63 32.48
CA VAL A 167 -25.49 30.32 31.31
C VAL A 167 -26.46 29.19 31.65
N LYS A 168 -25.91 28.05 32.06
CA LYS A 168 -26.73 26.90 32.46
C LYS A 168 -27.88 27.33 33.37
N LYS A 169 -27.67 28.40 34.15
CA LYS A 169 -28.76 28.92 34.98
C LYS A 169 -29.78 29.68 34.14
N TYR A 170 -29.32 30.40 33.12
CA TYR A 170 -30.25 31.15 32.26
C TYR A 170 -31.23 30.21 31.57
N LEU A 171 -30.74 29.09 31.03
CA LEU A 171 -31.59 28.12 30.37
C LEU A 171 -32.20 27.12 31.37
N SER A 172 -32.25 27.47 32.66
CA SER A 172 -32.85 26.56 33.64
C SER A 172 -34.31 26.30 33.31
N ASN A 173 -35.08 27.35 33.06
CA ASN A 173 -36.49 27.23 32.68
C ASN A 173 -36.66 27.40 31.17
N GLU A 174 -35.82 26.73 30.40
CA GLU A 174 -35.88 26.78 28.94
C GLU A 174 -35.36 25.46 28.40
N GLU A 175 -36.18 24.77 27.62
CA GLU A 175 -35.81 23.45 27.10
C GLU A 175 -34.94 23.61 25.85
N TYR A 176 -33.82 22.89 25.84
CA TYR A 176 -32.88 22.95 24.73
C TYR A 176 -32.22 21.58 24.59
N SER A 177 -31.71 21.31 23.38
CA SER A 177 -30.95 20.10 23.14
C SER A 177 -29.46 20.30 23.38
N ALA A 178 -28.96 21.51 23.14
CA ALA A 178 -27.56 21.84 23.35
C ALA A 178 -27.39 23.35 23.21
N PHE A 179 -26.31 23.87 23.78
CA PHE A 179 -25.99 25.28 23.68
C PHE A 179 -24.49 25.44 23.55
N GLY A 180 -24.07 26.64 23.18
CA GLY A 180 -22.65 26.94 23.04
C GLY A 180 -22.28 28.32 23.53
N ILE A 181 -21.17 28.42 24.24
CA ILE A 181 -20.61 29.71 24.66
C ILE A 181 -19.38 29.97 23.82
N MET A 182 -19.38 31.09 23.11
CA MET A 182 -18.25 31.49 22.28
C MET A 182 -17.49 32.58 23.03
N PHE A 183 -16.44 32.18 23.74
CA PHE A 183 -15.60 33.11 24.47
C PHE A 183 -14.72 33.87 23.47
N PHE A 184 -15.01 35.15 23.27
CA PHE A 184 -14.45 35.94 22.19
C PHE A 184 -13.45 36.94 22.75
N ASP A 185 -12.25 36.97 22.16
CA ASP A 185 -11.20 37.89 22.55
C ASP A 185 -11.00 38.90 21.42
N SER A 186 -11.31 40.17 21.70
CA SER A 186 -11.28 41.20 20.67
C SER A 186 -9.85 41.56 20.27
N ASP A 187 -8.93 41.56 21.25
CA ASP A 187 -7.55 41.93 20.95
C ASP A 187 -6.97 41.07 19.83
N ASN A 188 -7.43 39.83 19.72
CA ASN A 188 -6.88 38.86 18.78
C ASN A 188 -7.87 38.43 17.71
N LEU A 189 -9.17 38.73 17.88
CA LEU A 189 -10.21 38.15 17.03
C LEU A 189 -10.12 36.63 17.08
N SER A 190 -10.08 36.09 18.30
CA SER A 190 -10.05 34.67 18.56
C SER A 190 -11.34 34.24 19.25
N MET A 191 -11.54 32.93 19.33
CA MET A 191 -12.77 32.39 19.90
C MET A 191 -12.52 30.99 20.42
N LYS A 192 -12.87 30.76 21.69
CA LYS A 192 -12.78 29.43 22.29
C LYS A 192 -14.17 28.81 22.30
N PRO A 193 -14.49 27.90 21.37
CA PRO A 193 -15.85 27.35 21.34
C PRO A 193 -16.09 26.37 22.47
N TYR A 194 -17.23 26.53 23.13
CA TYR A 194 -17.70 25.61 24.16
C TYR A 194 -19.02 25.02 23.70
N VAL A 195 -19.23 23.73 24.00
CA VAL A 195 -20.46 23.06 23.61
C VAL A 195 -20.87 22.04 24.67
N TYR A 196 -21.98 22.30 25.34
CA TYR A 196 -22.65 21.32 26.18
C TYR A 196 -23.78 20.68 25.37
N VAL A 197 -23.98 19.38 25.56
CA VAL A 197 -25.14 18.69 25.02
C VAL A 197 -25.74 17.82 26.13
N LYS A 198 -27.03 17.53 25.99
CA LYS A 198 -27.73 16.78 27.02
C LYS A 198 -27.19 15.36 27.15
N GLU A 199 -27.00 14.67 26.02
CA GLU A 199 -26.56 13.27 26.05
C GLU A 199 -25.23 13.14 26.78
N VAL A 200 -24.18 13.79 26.26
CA VAL A 200 -22.87 13.75 26.91
C VAL A 200 -22.98 14.21 28.36
N GLY A 201 -23.88 15.15 28.64
CA GLY A 201 -24.00 15.66 29.99
C GLY A 201 -22.74 16.34 30.50
N SER A 202 -21.94 16.93 29.60
CA SER A 202 -20.69 17.56 29.98
C SER A 202 -20.25 18.46 28.84
N GLY A 203 -19.30 19.34 29.16
CA GLY A 203 -18.82 20.32 28.19
C GLY A 203 -17.73 19.78 27.28
N VAL A 204 -17.50 20.52 26.19
CA VAL A 204 -16.49 20.13 25.20
C VAL A 204 -15.93 21.38 24.53
N TYR A 205 -14.68 21.70 24.81
CA TYR A 205 -13.99 22.79 24.11
C TYR A 205 -13.50 22.26 22.78
N GLU A 206 -14.06 22.77 21.68
CA GLU A 206 -13.78 22.24 20.35
C GLU A 206 -12.55 22.89 19.75
N ASN A 207 -12.00 22.25 18.72
CA ASN A 207 -10.90 22.83 17.98
C ASN A 207 -11.37 23.93 17.05
N SER A 208 -12.62 23.86 16.61
CA SER A 208 -13.25 24.90 15.80
C SER A 208 -14.73 24.57 15.70
N CYS A 209 -15.54 25.63 15.59
CA CYS A 209 -16.99 25.50 15.57
C CYS A 209 -17.55 26.39 14.46
N ALA A 210 -18.03 25.75 13.39
CA ALA A 210 -18.55 26.51 12.25
C ALA A 210 -19.79 27.30 12.62
N SER A 211 -20.80 26.62 13.19
CA SER A 211 -22.03 27.31 13.56
C SER A 211 -21.75 28.40 14.58
N GLY A 212 -20.85 28.15 15.53
CA GLY A 212 -20.50 29.16 16.50
C GLY A 212 -19.90 30.40 15.85
N THR A 213 -19.11 30.21 14.80
CA THR A 213 -18.52 31.35 14.11
C THR A 213 -19.58 32.20 13.44
N THR A 214 -20.67 31.58 12.95
CA THR A 214 -21.76 32.35 12.37
C THR A 214 -22.48 33.17 13.45
N ALA A 215 -22.75 32.56 14.60
CA ALA A 215 -23.26 33.31 15.73
C ALA A 215 -22.36 34.51 16.03
N LEU A 216 -21.07 34.26 16.22
CA LEU A 216 -20.09 35.33 16.32
C LEU A 216 -20.24 36.30 15.15
N GLY A 217 -20.37 35.77 13.93
CA GLY A 217 -20.45 36.63 12.77
C GLY A 217 -21.70 37.49 12.77
N TYR A 218 -22.87 36.86 12.93
CA TYR A 218 -24.11 37.61 13.02
C TYR A 218 -24.02 38.69 14.10
N TYR A 219 -23.39 38.35 15.23
CA TYR A 219 -23.36 39.27 16.36
C TYR A 219 -22.44 40.45 16.08
N LEU A 220 -21.29 40.21 15.43
CA LEU A 220 -20.41 41.31 15.09
C LEU A 220 -20.95 42.15 13.94
N LYS A 221 -21.82 41.59 13.11
CA LYS A 221 -22.47 42.37 12.06
C LYS A 221 -23.44 43.37 12.65
N LYS A 222 -24.30 42.92 13.58
CA LYS A 222 -25.32 43.79 14.15
C LYS A 222 -24.76 44.76 15.18
N CYS A 223 -23.74 44.34 15.93
CA CYS A 223 -23.22 45.15 17.04
C CYS A 223 -21.99 45.97 16.68
N LYS A 224 -21.31 45.66 15.58
CA LYS A 224 -20.09 46.37 15.21
C LYS A 224 -19.96 46.60 13.72
N ASN A 225 -20.97 46.24 12.91
CA ASN A 225 -20.94 46.47 11.47
C ASN A 225 -19.71 45.79 10.84
N LEU A 226 -19.55 44.50 11.14
CA LEU A 226 -18.45 43.69 10.59
C LEU A 226 -19.05 42.62 9.68
N ASP A 227 -18.78 42.74 8.39
CA ASP A 227 -19.45 41.91 7.40
C ASP A 227 -18.79 40.53 7.28
N ARG A 228 -17.47 40.47 7.43
CA ARG A 228 -16.76 39.20 7.31
C ARG A 228 -15.39 39.33 7.97
N ALA A 229 -14.95 38.24 8.60
CA ALA A 229 -13.68 38.26 9.32
C ALA A 229 -13.19 36.83 9.50
N LYS A 230 -11.91 36.71 9.83
CA LYS A 230 -11.27 35.43 10.09
C LYS A 230 -11.11 35.23 11.58
N ILE A 231 -11.79 34.23 12.14
CA ILE A 231 -11.83 34.00 13.57
C ILE A 231 -10.90 32.83 13.88
N VAL A 232 -9.77 33.11 14.52
CA VAL A 232 -8.83 32.07 14.91
C VAL A 232 -9.39 31.31 16.10
N GLN A 233 -9.24 29.99 16.08
CA GLN A 233 -9.82 29.08 17.06
C GLN A 233 -8.76 28.13 17.57
N PRO A 234 -9.05 27.37 18.62
CA PRO A 234 -7.97 26.65 19.32
C PRO A 234 -7.01 25.89 18.40
N ASN A 235 -7.50 25.12 17.45
CA ASN A 235 -6.67 24.31 16.56
C ASN A 235 -7.12 24.47 15.11
N GLY A 236 -7.29 25.72 14.69
CA GLY A 236 -7.73 26.01 13.34
C GLY A 236 -8.30 27.40 13.26
N TRP A 237 -8.80 27.74 12.07
CA TRP A 237 -9.42 29.03 11.86
C TRP A 237 -10.54 28.91 10.83
N LEU A 238 -11.53 29.78 10.96
CA LEU A 238 -12.66 29.83 10.04
C LEU A 238 -13.00 31.29 9.76
N GLU A 239 -13.38 31.57 8.52
CA GLU A 239 -13.83 32.89 8.10
C GLU A 239 -15.32 32.87 7.88
N TYR A 240 -16.04 33.83 8.47
CA TYR A 240 -17.46 34.00 8.24
C TYR A 240 -17.66 35.11 7.21
N ILE A 241 -18.65 34.90 6.32
CA ILE A 241 -18.94 35.80 5.22
C ILE A 241 -20.43 36.03 5.18
N ILE A 242 -20.84 37.29 5.23
CA ILE A 242 -22.25 37.68 5.10
C ILE A 242 -22.38 38.46 3.80
N GLU A 243 -23.26 38.00 2.91
CA GLU A 243 -23.40 38.58 1.59
C GLU A 243 -24.86 38.45 1.14
N ASN A 244 -25.44 39.57 0.71
CA ASN A 244 -26.85 39.61 0.35
C ASN A 244 -27.71 38.99 1.45
N ASP A 245 -27.38 39.33 2.70
CA ASP A 245 -28.06 38.77 3.86
C ASP A 245 -28.05 37.24 3.81
N GLU A 246 -26.87 36.67 3.55
CA GLU A 246 -26.68 35.23 3.56
C GLU A 246 -25.34 34.91 4.20
N MET A 247 -25.34 33.95 5.12
CA MET A 247 -24.14 33.61 5.87
C MET A 247 -23.38 32.47 5.19
N TYR A 248 -22.07 32.63 5.07
CA TYR A 248 -21.19 31.62 4.53
C TYR A 248 -19.97 31.48 5.42
N ILE A 249 -19.50 30.25 5.58
CA ILE A 249 -18.29 29.95 6.37
C ILE A 249 -17.28 29.31 5.44
N ASP A 250 -16.12 29.95 5.29
CA ASP A 250 -15.00 29.43 4.54
C ASP A 250 -13.90 29.00 5.50
N GLY A 251 -13.08 28.03 5.07
CA GLY A 251 -11.96 27.58 5.86
C GLY A 251 -11.11 26.53 5.18
N PRO A 252 -9.96 26.24 5.76
CA PRO A 252 -9.10 25.17 5.20
C PRO A 252 -9.59 23.78 5.55
N VAL A 253 -9.26 22.83 4.67
CA VAL A 253 -9.58 21.42 4.85
C VAL A 253 -8.39 20.61 4.35
N GLU A 254 -8.18 19.45 4.99
CA GLU A 254 -7.03 18.61 4.64
C GLU A 254 -7.39 17.15 4.84
N ILE A 255 -7.22 16.36 3.78
CA ILE A 255 -7.46 14.92 3.84
C ILE A 255 -6.25 14.27 4.50
N ILE A 256 -6.48 13.65 5.66
CA ILE A 256 -5.39 13.11 6.47
C ILE A 256 -5.02 11.72 5.97
N ALA A 257 -5.94 10.77 6.13
CA ALA A 257 -5.63 9.37 5.89
C ALA A 257 -6.86 8.67 5.36
N GLU A 258 -6.64 7.46 4.84
CA GLU A 258 -7.67 6.72 4.11
C GLU A 258 -7.40 5.23 4.23
N GLY A 259 -8.45 4.46 4.50
CA GLY A 259 -8.32 3.02 4.52
C GLY A 259 -9.34 2.26 5.32
N LYS A 260 -8.89 1.23 6.04
CA LYS A 260 -9.75 0.30 6.75
C LYS A 260 -9.62 0.48 8.25
N ILE A 261 -10.73 0.24 8.96
CA ILE A 261 -10.79 0.38 10.40
C ILE A 261 -11.51 -0.84 10.97
N TYR A 262 -10.89 -1.49 11.96
CA TYR A 262 -11.35 -2.76 12.50
C TYR A 262 -11.97 -2.53 13.88
N ILE A 263 -13.29 -2.80 13.98
CA ILE A 263 -14.04 -2.70 15.22
C ILE A 263 -14.81 -4.00 15.40
N GLY A 264 -15.40 -4.17 16.59
CA GLY A 264 -16.25 -5.31 16.85
C GLY A 264 -17.64 -5.18 16.24
N LYS A 265 -18.37 -6.30 16.26
CA LYS A 265 -19.71 -6.35 15.69
C LYS A 265 -20.74 -6.81 16.72
N ARG B 3 -14.07 -23.33 -6.23
CA ARG B 3 -12.62 -23.46 -6.13
C ARG B 3 -12.05 -22.46 -5.13
N LYS B 4 -11.06 -22.89 -4.36
CA LYS B 4 -10.40 -22.02 -3.40
C LYS B 4 -9.15 -21.41 -4.02
N VAL B 5 -8.76 -20.25 -3.51
CA VAL B 5 -7.63 -19.48 -4.01
C VAL B 5 -6.52 -19.54 -2.98
N GLN B 6 -5.38 -20.11 -3.35
CA GLN B 6 -4.22 -20.12 -2.48
C GLN B 6 -3.44 -18.83 -2.62
N VAL B 7 -3.19 -18.17 -1.51
CA VAL B 7 -2.57 -16.84 -1.48
C VAL B 7 -1.13 -17.02 -1.02
N LEU B 8 -0.18 -16.89 -1.95
CA LEU B 8 1.23 -17.06 -1.67
C LEU B 8 1.95 -15.72 -1.60
N ASP B 9 3.00 -15.67 -0.79
CA ASP B 9 3.87 -14.50 -0.70
C ASP B 9 4.98 -14.64 -1.74
N PHE B 10 5.12 -13.63 -2.59
CA PHE B 10 6.07 -13.67 -3.68
C PHE B 10 7.03 -12.48 -3.62
N ILE B 11 8.22 -12.69 -4.18
CA ILE B 11 9.18 -11.63 -4.46
C ILE B 11 9.69 -11.85 -5.87
N LYS B 12 9.47 -10.89 -6.75
CA LYS B 12 9.94 -10.97 -8.13
C LYS B 12 11.26 -10.24 -8.24
N ILE B 13 12.26 -10.89 -8.85
CA ILE B 13 13.63 -10.41 -8.87
C ILE B 13 14.19 -10.66 -10.26
N ASN B 14 15.00 -9.71 -10.75
CA ASN B 14 15.67 -9.82 -12.05
C ASN B 14 17.16 -10.04 -11.86
N PRO B 15 17.62 -11.30 -11.71
CA PRO B 15 19.07 -11.56 -11.69
C PRO B 15 19.66 -11.67 -13.08
N ALA B 16 20.16 -10.56 -13.61
CA ALA B 16 20.81 -10.51 -14.92
C ALA B 16 19.89 -11.03 -16.03
N GLY B 17 18.60 -10.74 -15.90
CA GLY B 17 17.63 -11.11 -16.90
C GLY B 17 16.97 -12.47 -16.68
N ASN B 18 17.58 -13.35 -15.89
CA ASN B 18 17.02 -14.67 -15.58
C ASN B 18 15.91 -14.48 -14.55
N ILE B 19 14.74 -14.07 -15.04
CA ILE B 19 13.66 -13.67 -14.14
C ILE B 19 13.29 -14.84 -13.23
N THR B 20 13.29 -14.59 -11.93
CA THR B 20 13.01 -15.61 -10.93
C THR B 20 12.05 -15.04 -9.90
N ILE B 21 11.08 -15.86 -9.51
CA ILE B 21 10.13 -15.53 -8.45
C ILE B 21 10.44 -16.43 -7.26
N LEU B 22 10.55 -15.84 -6.08
CA LEU B 22 10.77 -16.57 -4.84
C LEU B 22 9.49 -16.55 -4.02
N ILE B 23 9.15 -17.72 -3.46
CA ILE B 23 7.92 -17.90 -2.69
C ILE B 23 8.31 -18.09 -1.23
N ASP B 24 7.81 -17.20 -0.38
CA ASP B 24 8.10 -17.22 1.05
C ASP B 24 6.93 -17.80 1.83
N ASN B 25 7.23 -18.30 3.02
CA ASN B 25 6.20 -18.78 3.95
C ASN B 25 5.36 -19.89 3.33
N PHE B 26 6.06 -20.83 2.68
CA PHE B 26 5.44 -21.96 2.00
C PHE B 26 6.26 -23.19 2.33
N ASP B 27 5.59 -24.31 2.57
CA ASP B 27 6.29 -25.58 2.77
C ASP B 27 7.20 -25.83 1.56
N ILE B 28 8.51 -25.69 1.75
CA ILE B 28 9.44 -25.81 0.62
C ILE B 28 9.53 -27.23 0.10
N TYR B 29 8.98 -28.20 0.83
CA TYR B 29 8.94 -29.60 0.41
C TYR B 29 7.53 -30.05 0.03
N ASP B 30 6.66 -29.10 -0.29
CA ASP B 30 5.29 -29.43 -0.71
C ASP B 30 5.32 -30.16 -2.05
N LYS B 31 4.35 -31.08 -2.22
CA LYS B 31 4.34 -31.94 -3.39
C LYS B 31 3.86 -31.23 -4.64
N ASN B 32 3.00 -30.22 -4.50
CA ASN B 32 2.45 -29.50 -5.65
C ASN B 32 3.36 -28.38 -6.14
N ILE B 33 4.51 -28.19 -5.49
CA ILE B 33 5.45 -27.14 -5.92
C ILE B 33 5.72 -27.21 -7.41
N PRO B 34 6.02 -28.38 -8.01
CA PRO B 34 6.32 -28.40 -9.45
C PRO B 34 5.19 -27.84 -10.30
N LYS B 35 3.95 -28.03 -9.88
CA LYS B 35 2.79 -27.58 -10.64
C LYS B 35 2.42 -26.14 -10.33
N LEU B 36 2.44 -25.76 -9.05
CA LEU B 36 2.24 -24.36 -8.69
C LEU B 36 3.22 -23.47 -9.46
N SER B 37 4.50 -23.85 -9.48
CA SER B 37 5.51 -23.06 -10.15
C SER B 37 5.20 -22.90 -11.63
N GLU B 38 4.65 -23.95 -12.26
CA GLU B 38 4.31 -23.85 -13.67
C GLU B 38 3.30 -22.72 -13.91
N GLU B 39 2.30 -22.60 -13.03
CA GLU B 39 1.34 -21.51 -13.17
C GLU B 39 1.99 -20.16 -12.94
N ILE B 40 2.86 -20.07 -11.94
CA ILE B 40 3.51 -18.81 -11.63
C ILE B 40 4.22 -18.23 -12.85
N MET B 41 4.79 -19.10 -13.70
CA MET B 41 5.69 -18.64 -14.76
C MET B 41 4.98 -18.19 -16.02
N LYS B 42 3.78 -18.70 -16.28
CA LYS B 42 3.05 -18.35 -17.49
C LYS B 42 2.99 -16.84 -17.64
N GLU B 43 2.97 -16.37 -18.90
CA GLU B 43 2.77 -14.95 -19.14
C GLU B 43 1.39 -14.51 -18.69
N THR B 44 0.37 -15.39 -18.78
CA THR B 44 -0.97 -15.05 -18.33
C THR B 44 -1.06 -14.89 -16.81
N ASN B 45 -0.06 -15.36 -16.08
CA ASN B 45 0.09 -15.11 -14.66
C ASN B 45 1.22 -14.09 -14.49
N LEU B 46 1.77 -13.99 -13.29
CA LEU B 46 3.07 -13.38 -13.13
C LEU B 46 4.03 -14.09 -14.08
N TYR B 47 5.05 -13.38 -14.54
CA TYR B 47 5.96 -13.93 -15.53
C TYR B 47 7.32 -14.20 -14.90
N ALA B 48 7.96 -15.29 -15.34
CA ALA B 48 9.28 -15.64 -14.82
C ALA B 48 9.89 -16.86 -15.52
N GLU B 49 11.22 -16.90 -15.59
CA GLU B 49 11.93 -18.07 -16.08
C GLU B 49 12.31 -19.05 -14.98
N GLN B 50 12.11 -18.68 -13.71
CA GLN B 50 12.52 -19.52 -12.59
C GLN B 50 11.57 -19.30 -11.42
N VAL B 51 11.53 -20.30 -10.53
CA VAL B 51 10.70 -20.23 -9.33
C VAL B 51 11.42 -20.96 -8.21
N GLY B 52 11.52 -20.31 -7.04
CA GLY B 52 12.14 -20.92 -5.89
C GLY B 52 11.31 -20.69 -4.64
N PHE B 53 11.54 -21.55 -3.65
CA PHE B 53 10.80 -21.53 -2.39
C PHE B 53 11.80 -21.47 -1.25
N ILE B 54 11.74 -20.40 -0.47
CA ILE B 54 12.79 -20.03 0.46
C ILE B 54 12.33 -20.30 1.89
N LYS B 55 13.26 -20.75 2.72
CA LYS B 55 13.02 -20.94 4.15
C LYS B 55 14.34 -20.72 4.86
N ASP B 56 14.35 -19.81 5.84
CA ASP B 56 15.56 -19.43 6.57
C ASP B 56 16.62 -19.04 5.54
N SER B 57 17.82 -19.60 5.61
CA SER B 57 18.88 -19.32 4.65
C SER B 57 18.85 -20.28 3.46
N HIS B 58 17.84 -21.12 3.35
CA HIS B 58 17.77 -22.14 2.32
C HIS B 58 16.93 -21.66 1.13
N LEU B 59 17.23 -22.22 -0.04
CA LEU B 59 16.48 -21.96 -1.27
C LEU B 59 16.16 -23.30 -1.91
N GLN B 60 14.88 -23.57 -2.13
CA GLN B 60 14.42 -24.83 -2.70
C GLN B 60 13.83 -24.53 -4.08
N MET B 61 14.57 -24.86 -5.12
CA MET B 61 14.10 -24.64 -6.49
C MET B 61 13.03 -25.66 -6.83
N MET B 62 12.10 -25.26 -7.71
CA MET B 62 10.94 -26.07 -8.02
C MET B 62 11.32 -27.52 -8.32
N GLY B 63 12.44 -27.73 -9.00
CA GLY B 63 12.85 -29.06 -9.42
C GLY B 63 14.06 -29.60 -8.70
N GLY B 64 14.40 -29.01 -7.56
CA GLY B 64 15.54 -29.46 -6.78
C GLY B 64 16.89 -29.12 -7.36
N GLU B 65 16.94 -28.44 -8.50
CA GLU B 65 18.20 -28.11 -9.12
C GLU B 65 18.88 -26.95 -8.39
N PHE B 66 20.18 -26.81 -8.63
CA PHE B 66 20.92 -25.63 -8.20
C PHE B 66 20.84 -24.56 -9.28
N SER B 67 20.75 -23.30 -8.86
CA SER B 67 20.68 -22.18 -9.79
C SER B 67 21.52 -21.03 -9.22
N GLY B 68 22.65 -20.74 -9.86
CA GLY B 68 23.48 -19.66 -9.39
C GLY B 68 22.80 -18.31 -9.50
N ASN B 69 21.95 -18.14 -10.51
CA ASN B 69 21.22 -16.88 -10.68
C ASN B 69 20.11 -16.75 -9.63
N ALA B 70 19.39 -17.84 -9.35
CA ALA B 70 18.39 -17.81 -8.29
C ALA B 70 19.04 -17.59 -6.92
N SER B 71 20.16 -18.28 -6.66
CA SER B 71 20.87 -18.07 -5.40
C SER B 71 21.35 -16.62 -5.27
N ARG B 72 21.77 -16.02 -6.39
CA ARG B 72 22.16 -14.61 -6.36
C ARG B 72 20.95 -13.72 -6.07
N ALA B 73 19.79 -14.06 -6.63
CA ALA B 73 18.58 -13.31 -6.34
C ALA B 73 18.20 -13.40 -4.87
N PHE B 74 18.24 -14.61 -4.31
CA PHE B 74 17.93 -14.79 -2.90
C PHE B 74 18.89 -13.99 -2.02
N ALA B 75 20.20 -14.13 -2.25
CA ALA B 75 21.17 -13.38 -1.46
C ALA B 75 20.91 -11.88 -1.53
N SER B 76 20.60 -11.37 -2.73
CA SER B 76 20.29 -9.96 -2.88
C SER B 76 18.98 -9.58 -2.21
N LEU B 77 18.07 -10.54 -2.02
CA LEU B 77 16.85 -10.26 -1.27
C LEU B 77 17.14 -10.08 0.21
N LEU B 78 18.05 -10.90 0.76
CA LEU B 78 18.39 -10.79 2.17
C LEU B 78 19.06 -9.45 2.47
N ALA B 79 19.82 -8.92 1.51
CA ALA B 79 20.37 -7.57 1.68
C ALA B 79 19.27 -6.53 1.62
N PHE B 80 18.36 -6.68 0.66
CA PHE B 80 17.22 -5.77 0.53
C PHE B 80 16.43 -5.68 1.83
N ARG B 81 16.46 -6.74 2.65
CA ARG B 81 15.67 -6.80 3.86
C ARG B 81 16.49 -6.67 5.13
N ASP B 82 17.82 -6.52 5.02
CA ASP B 82 18.68 -6.41 6.18
C ASP B 82 18.87 -4.94 6.54
N LYS B 83 18.65 -4.62 7.82
CA LYS B 83 18.83 -3.24 8.26
C LYS B 83 20.30 -2.84 8.32
N ASP B 84 21.21 -3.81 8.43
CA ASP B 84 22.62 -3.54 8.58
C ASP B 84 23.36 -3.44 7.24
N PHE B 85 22.70 -3.73 6.13
CA PHE B 85 23.36 -3.63 4.83
C PHE B 85 23.67 -2.17 4.53
N SER B 86 24.95 -1.87 4.32
CA SER B 86 25.39 -0.52 3.96
C SER B 86 25.80 -0.50 2.49
N LYS B 87 26.97 -1.05 2.18
CA LYS B 87 27.41 -1.19 0.79
C LYS B 87 27.70 -2.65 0.44
N GLN B 88 28.65 -3.28 1.10
CA GLN B 88 29.00 -4.67 0.88
C GLN B 88 28.63 -5.51 2.10
N LYS B 89 28.26 -6.76 1.85
CA LYS B 89 27.99 -7.69 2.93
C LYS B 89 27.85 -9.12 2.39
N ASN B 90 28.56 -10.05 3.00
CA ASN B 90 28.51 -11.45 2.61
C ASN B 90 27.34 -12.15 3.32
N TYR B 91 26.63 -12.98 2.57
CA TYR B 91 25.47 -13.70 3.09
C TYR B 91 25.64 -15.19 2.83
N ASN B 92 25.50 -15.99 3.88
CA ASN B 92 25.60 -17.44 3.78
C ASN B 92 24.21 -18.03 3.52
N ILE B 93 24.09 -18.84 2.47
CA ILE B 93 22.83 -19.45 2.10
C ILE B 93 23.06 -20.89 1.69
N THR B 94 21.96 -21.60 1.45
CA THR B 94 21.99 -22.98 0.96
C THR B 94 20.93 -23.12 -0.12
N CYS B 95 21.27 -23.84 -1.19
CA CYS B 95 20.36 -24.05 -2.32
C CYS B 95 20.30 -25.53 -2.68
N SER B 96 19.13 -25.98 -3.09
CA SER B 96 18.95 -27.37 -3.50
C SER B 96 19.86 -27.69 -4.68
N GLY B 97 20.51 -28.85 -4.62
CA GLY B 97 21.44 -29.27 -5.63
C GLY B 97 22.90 -28.96 -5.34
N GLU B 98 23.18 -28.27 -4.24
CA GLU B 98 24.53 -27.98 -3.79
C GLU B 98 24.62 -28.37 -2.32
N SER B 99 25.71 -29.06 -1.97
CA SER B 99 25.87 -29.55 -0.61
C SER B 99 26.63 -28.58 0.29
N LYS B 100 27.35 -27.63 -0.28
CA LYS B 100 28.17 -26.71 0.49
C LYS B 100 27.44 -25.38 0.67
N VAL B 101 27.56 -24.82 1.86
CA VAL B 101 27.04 -23.47 2.11
C VAL B 101 27.70 -22.50 1.14
N LEU B 102 26.87 -21.71 0.45
CA LEU B 102 27.35 -20.74 -0.53
C LEU B 102 27.53 -19.39 0.13
N ASP B 103 28.74 -18.84 0.03
CA ASP B 103 29.09 -17.55 0.62
C ASP B 103 29.00 -16.49 -0.48
N VAL B 104 27.87 -15.80 -0.55
CA VAL B 104 27.59 -14.85 -1.63
C VAL B 104 28.00 -13.45 -1.19
N ASP B 105 28.79 -12.79 -2.05
CA ASP B 105 29.22 -11.41 -1.81
C ASP B 105 28.25 -10.45 -2.49
N VAL B 106 27.49 -9.72 -1.69
CA VAL B 106 26.47 -8.81 -2.18
C VAL B 106 26.97 -7.38 -1.98
N ARG B 107 26.84 -6.57 -3.02
CA ARG B 107 27.20 -5.16 -2.97
C ARG B 107 26.08 -4.31 -3.57
N ASN B 108 25.93 -3.10 -3.03
CA ASN B 108 24.95 -2.17 -3.58
C ASN B 108 25.38 -1.74 -4.98
N ASP B 109 24.39 -1.63 -5.88
CA ASP B 109 24.65 -1.36 -7.29
C ASP B 109 23.94 -0.10 -7.75
N GLY B 110 23.78 0.87 -6.86
CA GLY B 110 23.15 2.13 -7.21
C GLY B 110 21.91 2.40 -6.37
N ALA B 111 20.76 1.98 -6.87
CA ALA B 111 19.52 2.11 -6.13
C ALA B 111 19.45 1.08 -5.01
N LYS B 112 18.59 1.36 -4.03
CA LYS B 112 18.44 0.48 -2.88
C LYS B 112 17.81 -0.86 -3.23
N ASN B 113 17.37 -1.05 -4.47
CA ASN B 113 16.90 -2.34 -4.95
C ASN B 113 17.84 -2.95 -5.98
N LYS B 114 18.96 -2.30 -6.28
CA LYS B 114 19.95 -2.78 -7.22
C LYS B 114 21.15 -3.33 -6.48
N PHE B 115 21.63 -4.49 -6.92
CA PHE B 115 22.72 -5.17 -6.25
C PHE B 115 23.63 -5.85 -7.27
N LEU B 116 24.83 -6.20 -6.82
CA LEU B 116 25.74 -7.11 -7.51
C LEU B 116 25.95 -8.32 -6.60
N ALA B 117 25.79 -9.52 -7.14
CA ALA B 117 25.88 -10.75 -6.36
C ALA B 117 26.93 -11.65 -6.98
N LYS B 118 27.92 -12.06 -6.17
CA LYS B 118 28.98 -12.97 -6.57
C LYS B 118 28.84 -14.27 -5.79
N ILE B 119 28.88 -15.40 -6.50
CA ILE B 119 28.64 -16.71 -5.92
C ILE B 119 29.63 -17.71 -6.48
N LYS B 120 30.04 -18.66 -5.64
CA LYS B 120 30.91 -19.75 -6.08
C LYS B 120 30.12 -20.76 -6.89
N MET B 121 30.63 -21.10 -8.07
CA MET B 121 29.92 -22.04 -8.93
C MET B 121 30.58 -23.43 -8.89
N PRO B 122 29.81 -24.47 -9.16
CA PRO B 122 30.39 -25.83 -9.14
C PRO B 122 31.49 -25.97 -10.19
N LYS B 123 32.34 -26.97 -9.97
CA LYS B 123 33.41 -27.28 -10.90
C LYS B 123 32.89 -28.16 -12.04
N PHE B 124 33.59 -28.11 -13.17
CA PHE B 124 33.29 -29.00 -14.28
C PHE B 124 33.78 -30.41 -13.95
N LEU B 125 33.12 -31.40 -14.53
CA LEU B 125 33.56 -32.78 -14.39
C LEU B 125 34.47 -33.24 -15.53
N SER B 126 34.50 -32.49 -16.63
CA SER B 126 35.32 -32.83 -17.79
C SER B 126 35.28 -31.66 -18.75
N LEU B 127 36.41 -31.39 -19.40
CA LEU B 127 36.51 -30.39 -20.45
C LEU B 127 37.18 -31.03 -21.64
N GLU B 128 36.48 -31.10 -22.76
CA GLU B 128 37.00 -31.76 -23.95
C GLU B 128 36.48 -31.04 -25.19
N GLU B 129 37.35 -30.90 -26.19
CA GLU B 129 36.96 -30.39 -27.49
C GLU B 129 36.52 -31.55 -28.36
N ILE B 130 35.33 -31.42 -28.94
CA ILE B 130 34.74 -32.46 -29.77
C ILE B 130 34.62 -31.94 -31.19
N ASN B 131 34.62 -32.87 -32.15
CA ASN B 131 34.48 -32.56 -33.57
C ASN B 131 33.34 -33.42 -34.12
N VAL B 132 32.18 -32.80 -34.34
CA VAL B 132 31.00 -33.50 -34.84
C VAL B 132 30.75 -33.04 -36.26
N ASP B 133 30.51 -33.99 -37.17
CA ASP B 133 30.33 -33.67 -38.58
C ASP B 133 31.41 -32.67 -38.97
N GLU B 134 31.04 -31.53 -39.54
CA GLU B 134 32.01 -30.54 -39.98
C GLU B 134 32.12 -29.34 -39.04
N TYR B 135 31.92 -29.54 -37.74
CA TYR B 135 31.94 -28.44 -36.78
C TYR B 135 32.76 -28.84 -35.56
N LYS B 136 33.47 -27.86 -34.98
CA LYS B 136 34.22 -28.04 -33.75
C LYS B 136 33.42 -27.42 -32.59
N LEU B 137 33.20 -28.21 -31.54
CA LEU B 137 32.40 -27.79 -30.41
C LEU B 137 33.20 -27.91 -29.12
N GLY B 138 32.76 -27.20 -28.09
CA GLY B 138 33.22 -27.40 -26.74
C GLY B 138 32.26 -28.32 -26.00
N LEU B 139 32.74 -28.89 -24.89
CA LEU B 139 31.92 -29.84 -24.13
C LEU B 139 32.39 -29.86 -22.68
N VAL B 140 31.77 -29.01 -21.87
CA VAL B 140 31.99 -28.99 -20.43
C VAL B 140 30.90 -29.83 -19.78
N ARG B 141 31.29 -30.88 -19.07
CA ARG B 141 30.34 -31.79 -18.44
C ARG B 141 30.20 -31.43 -16.96
N PHE B 142 28.96 -31.23 -16.52
CA PHE B 142 28.66 -30.95 -15.12
C PHE B 142 27.79 -32.08 -14.56
N SER B 143 27.34 -31.90 -13.33
CA SER B 143 26.43 -32.84 -12.68
C SER B 143 25.01 -32.39 -12.99
N GLY B 144 24.38 -33.07 -13.94
CA GLY B 144 23.02 -32.74 -14.33
C GLY B 144 22.92 -32.06 -15.69
N ILE B 145 23.81 -31.10 -15.95
CA ILE B 145 23.82 -30.36 -17.20
C ILE B 145 25.11 -30.65 -17.93
N ASN B 146 25.02 -30.68 -19.26
CA ASN B 146 26.18 -30.87 -20.14
C ASN B 146 26.16 -29.74 -21.17
N HIS B 147 27.01 -28.75 -20.99
CA HIS B 147 27.04 -27.60 -21.88
C HIS B 147 27.94 -27.84 -23.08
N PHE B 148 27.63 -27.14 -24.16
CA PHE B 148 28.39 -27.24 -25.42
C PHE B 148 28.69 -25.84 -25.91
N ILE B 149 29.97 -25.50 -26.02
CA ILE B 149 30.38 -24.22 -26.59
C ILE B 149 30.38 -24.33 -28.11
N PHE B 150 29.87 -23.30 -28.78
CA PHE B 150 29.85 -23.23 -30.24
C PHE B 150 30.35 -21.83 -30.62
N ASN B 151 31.65 -21.73 -30.88
CA ASN B 151 32.23 -20.49 -31.37
C ASN B 151 31.75 -20.25 -32.79
N ILE B 152 30.81 -19.32 -32.95
CA ILE B 152 30.20 -19.09 -34.26
C ILE B 152 31.26 -18.63 -35.26
N LYS B 153 32.08 -17.66 -34.86
CA LYS B 153 33.04 -17.07 -35.80
C LYS B 153 34.07 -18.10 -36.25
N GLU B 154 34.52 -18.96 -35.35
CA GLU B 154 35.55 -19.95 -35.67
C GLU B 154 34.99 -21.19 -36.33
N ASN B 155 33.74 -21.16 -36.81
CA ASN B 155 33.12 -22.32 -37.42
C ASN B 155 32.43 -21.94 -38.71
N LYS B 156 32.04 -22.97 -39.47
CA LYS B 156 31.36 -22.76 -40.73
C LYS B 156 29.99 -22.12 -40.49
N GLU B 157 29.59 -21.24 -41.41
CA GLU B 157 28.28 -20.64 -41.36
C GLU B 157 27.21 -21.73 -41.30
N THR B 158 26.22 -21.53 -40.43
CA THR B 158 25.18 -22.52 -40.24
C THR B 158 23.97 -21.86 -39.56
N SER B 159 22.92 -22.66 -39.40
CA SER B 159 21.72 -22.23 -38.68
C SER B 159 21.77 -22.81 -37.28
N PHE B 160 21.33 -22.00 -36.30
CA PHE B 160 21.27 -22.47 -34.93
C PHE B 160 20.56 -23.82 -34.84
N GLU B 161 19.45 -23.98 -35.58
CA GLU B 161 18.66 -25.20 -35.47
C GLU B 161 19.44 -26.42 -35.93
N ASN B 162 20.24 -26.27 -36.99
CA ASN B 162 21.05 -27.39 -37.47
C ASN B 162 22.04 -27.86 -36.40
N ILE B 163 22.55 -26.93 -35.59
CA ILE B 163 23.50 -27.29 -34.56
C ILE B 163 22.80 -27.98 -33.39
N ILE B 164 21.60 -27.52 -33.03
CA ILE B 164 20.87 -28.18 -31.95
C ILE B 164 20.56 -29.62 -32.33
N ASP B 165 20.28 -29.86 -33.61
CA ASP B 165 20.01 -31.23 -34.07
C ASP B 165 21.29 -32.06 -34.03
N LEU B 166 22.41 -31.51 -34.51
CA LEU B 166 23.67 -32.24 -34.46
C LEU B 166 24.03 -32.60 -33.04
N VAL B 167 23.81 -31.68 -32.10
CA VAL B 167 24.08 -31.97 -30.69
C VAL B 167 23.20 -33.13 -30.23
N LYS B 168 21.90 -33.05 -30.50
CA LYS B 168 21.00 -34.14 -30.11
C LYS B 168 21.42 -35.45 -30.76
N LYS B 169 22.04 -35.38 -31.94
CA LYS B 169 22.61 -36.58 -32.55
C LYS B 169 23.78 -37.12 -31.73
N TYR B 170 24.56 -36.23 -31.11
CA TYR B 170 25.72 -36.66 -30.34
C TYR B 170 25.30 -37.44 -29.10
N LEU B 171 24.30 -36.94 -28.37
CA LEU B 171 23.82 -37.58 -27.15
C LEU B 171 22.86 -38.73 -27.42
N SER B 172 22.81 -39.24 -28.65
CA SER B 172 21.95 -40.37 -28.97
C SER B 172 22.42 -41.68 -28.32
N ASN B 173 23.54 -41.67 -27.60
CA ASN B 173 24.00 -42.83 -26.86
C ASN B 173 24.37 -42.46 -25.43
N GLU B 174 23.97 -41.28 -24.96
CA GLU B 174 24.36 -40.75 -23.66
C GLU B 174 23.13 -40.43 -22.83
N GLU B 175 23.16 -40.82 -21.56
CA GLU B 175 22.10 -40.50 -20.61
C GLU B 175 22.34 -39.09 -20.08
N TYR B 176 21.52 -38.14 -20.51
CA TYR B 176 21.64 -36.74 -20.09
C TYR B 176 20.31 -36.26 -19.58
N SER B 177 20.31 -35.66 -18.39
CA SER B 177 19.09 -35.05 -17.85
C SER B 177 18.73 -33.78 -18.61
N ALA B 178 19.74 -33.03 -19.06
CA ALA B 178 19.55 -31.80 -19.81
C ALA B 178 20.89 -31.39 -20.39
N PHE B 179 20.84 -30.63 -21.49
CA PHE B 179 22.04 -30.13 -22.13
C PHE B 179 21.80 -28.69 -22.58
N GLY B 180 22.90 -27.98 -22.82
CA GLY B 180 22.83 -26.60 -23.26
C GLY B 180 23.88 -26.26 -24.31
N ILE B 181 23.49 -25.47 -25.30
CA ILE B 181 24.40 -25.01 -26.35
C ILE B 181 24.63 -23.53 -26.15
N MET B 182 25.88 -23.15 -25.90
CA MET B 182 26.25 -21.75 -25.67
C MET B 182 26.80 -21.21 -26.98
N PHE B 183 25.91 -20.67 -27.81
CA PHE B 183 26.31 -20.02 -29.06
C PHE B 183 27.12 -18.78 -28.72
N PHE B 184 28.41 -18.80 -29.05
CA PHE B 184 29.36 -17.79 -28.62
C PHE B 184 29.83 -16.97 -29.81
N ASP B 185 29.90 -15.65 -29.63
CA ASP B 185 30.40 -14.73 -30.63
C ASP B 185 31.59 -13.97 -30.05
N SER B 186 32.75 -14.10 -30.70
CA SER B 186 33.97 -13.46 -30.22
C SER B 186 34.01 -11.98 -30.55
N ASP B 187 33.46 -11.59 -31.71
CA ASP B 187 33.44 -10.17 -32.07
C ASP B 187 32.90 -9.32 -30.92
N ASN B 188 31.92 -9.86 -30.19
CA ASN B 188 31.20 -9.13 -29.16
C ASN B 188 31.44 -9.65 -27.76
N LEU B 189 32.05 -10.83 -27.61
CA LEU B 189 32.07 -11.53 -26.33
C LEU B 189 30.66 -11.63 -25.76
N SER B 190 29.75 -12.12 -26.60
CA SER B 190 28.35 -12.34 -26.24
C SER B 190 28.03 -13.83 -26.36
N MET B 191 26.89 -14.21 -25.81
CA MET B 191 26.52 -15.62 -25.73
C MET B 191 25.00 -15.76 -25.74
N LYS B 192 24.50 -16.66 -26.59
CA LYS B 192 23.08 -16.96 -26.69
C LYS B 192 22.82 -18.32 -26.04
N PRO B 193 22.35 -18.36 -24.79
CA PRO B 193 22.20 -19.65 -24.11
C PRO B 193 20.96 -20.40 -24.57
N TYR B 194 21.18 -21.62 -25.06
CA TYR B 194 20.12 -22.57 -25.34
C TYR B 194 20.12 -23.64 -24.25
N VAL B 195 18.93 -24.12 -23.88
CA VAL B 195 18.80 -25.11 -22.82
C VAL B 195 17.67 -26.07 -23.18
N TYR B 196 18.03 -27.32 -23.47
CA TYR B 196 17.06 -28.42 -23.61
C TYR B 196 16.99 -29.15 -22.28
N VAL B 197 15.77 -29.54 -21.89
CA VAL B 197 15.55 -30.46 -20.79
C VAL B 197 14.58 -31.55 -21.25
N LYS B 198 14.85 -32.79 -20.87
CA LYS B 198 14.09 -33.92 -21.40
C LYS B 198 12.67 -33.96 -20.85
N GLU B 199 12.46 -33.52 -19.60
CA GLU B 199 11.12 -33.48 -19.03
C GLU B 199 10.18 -32.68 -19.94
N VAL B 200 10.54 -31.42 -20.22
CA VAL B 200 9.67 -30.55 -21.00
C VAL B 200 9.70 -30.88 -22.48
N GLY B 201 10.56 -31.79 -22.91
CA GLY B 201 10.58 -32.18 -24.31
C GLY B 201 10.80 -31.03 -25.27
N SER B 202 11.39 -29.94 -24.82
CA SER B 202 11.65 -28.79 -25.68
C SER B 202 12.68 -27.89 -25.02
N GLY B 203 13.32 -27.06 -25.84
CA GLY B 203 14.37 -26.18 -25.39
C GLY B 203 13.91 -24.73 -25.34
N VAL B 204 14.72 -23.91 -24.66
CA VAL B 204 14.40 -22.50 -24.45
C VAL B 204 15.67 -21.68 -24.58
N TYR B 205 15.54 -20.46 -25.12
CA TYR B 205 16.63 -19.50 -25.20
C TYR B 205 16.49 -18.57 -23.99
N GLU B 206 17.35 -18.77 -22.99
CA GLU B 206 17.24 -18.02 -21.75
C GLU B 206 17.76 -16.60 -21.91
N ASN B 207 17.28 -15.71 -21.05
CA ASN B 207 17.81 -14.36 -21.00
C ASN B 207 19.23 -14.32 -20.44
N SER B 208 19.63 -15.35 -19.70
CA SER B 208 20.97 -15.48 -19.15
C SER B 208 21.10 -16.86 -18.54
N CYS B 209 22.34 -17.37 -18.52
CA CYS B 209 22.62 -18.72 -18.01
C CYS B 209 23.94 -18.68 -17.24
N ALA B 210 23.84 -18.65 -15.91
CA ALA B 210 25.04 -18.57 -15.09
C ALA B 210 25.90 -19.81 -15.24
N SER B 211 25.29 -21.00 -15.22
CA SER B 211 26.07 -22.24 -15.33
C SER B 211 26.75 -22.32 -16.70
N GLY B 212 26.04 -21.95 -17.77
CA GLY B 212 26.63 -21.96 -19.08
C GLY B 212 27.71 -20.93 -19.28
N THR B 213 27.69 -19.86 -18.47
CA THR B 213 28.77 -18.88 -18.54
C THR B 213 30.05 -19.43 -17.92
N THR B 214 29.92 -20.26 -16.88
CA THR B 214 31.10 -20.93 -16.33
C THR B 214 31.65 -21.93 -17.32
N ALA B 215 30.77 -22.65 -18.03
CA ALA B 215 31.24 -23.50 -19.13
C ALA B 215 32.01 -22.68 -20.15
N LEU B 216 31.42 -21.57 -20.60
CA LEU B 216 32.15 -20.62 -21.44
C LEU B 216 33.43 -20.18 -20.76
N GLY B 217 33.36 -19.83 -19.47
CA GLY B 217 34.55 -19.39 -18.77
C GLY B 217 35.64 -20.43 -18.75
N TYR B 218 35.30 -21.66 -18.33
CA TYR B 218 36.28 -22.73 -18.31
C TYR B 218 36.90 -22.94 -19.69
N TYR B 219 36.05 -22.99 -20.72
CA TYR B 219 36.54 -23.25 -22.08
C TYR B 219 37.44 -22.13 -22.56
N LEU B 220 37.13 -20.88 -22.21
CA LEU B 220 37.98 -19.77 -22.64
C LEU B 220 39.27 -19.71 -21.84
N LYS B 221 39.28 -20.26 -20.62
CA LYS B 221 40.52 -20.27 -19.84
C LYS B 221 41.50 -21.29 -20.39
N LYS B 222 41.01 -22.44 -20.85
CA LYS B 222 41.90 -23.46 -21.40
C LYS B 222 42.27 -23.15 -22.86
N CYS B 223 41.33 -22.63 -23.65
CA CYS B 223 41.52 -22.45 -25.07
C CYS B 223 42.01 -21.06 -25.45
N LYS B 224 42.15 -20.14 -24.51
CA LYS B 224 42.58 -18.78 -24.82
C LYS B 224 43.33 -18.11 -23.68
N ASN B 225 43.50 -18.76 -22.54
CA ASN B 225 44.10 -18.14 -21.35
C ASN B 225 43.37 -16.84 -20.99
N LEU B 226 42.09 -16.99 -20.67
CA LEU B 226 41.25 -15.88 -20.24
C LEU B 226 40.63 -16.25 -18.90
N ASP B 227 41.10 -15.60 -17.82
CA ASP B 227 40.67 -15.96 -16.49
C ASP B 227 39.36 -15.31 -16.08
N ARG B 228 39.00 -14.18 -16.69
CA ARG B 228 37.76 -13.51 -16.35
C ARG B 228 37.32 -12.61 -17.49
N ALA B 229 36.01 -12.51 -17.69
CA ALA B 229 35.47 -11.69 -18.76
C ALA B 229 33.99 -11.46 -18.50
N LYS B 230 33.48 -10.38 -19.07
CA LYS B 230 32.07 -10.02 -18.98
C LYS B 230 31.35 -10.52 -20.22
N ILE B 231 30.44 -11.48 -20.04
CA ILE B 231 29.82 -12.20 -21.14
C ILE B 231 28.43 -11.63 -21.35
N VAL B 232 28.28 -10.85 -22.43
CA VAL B 232 26.98 -10.29 -22.78
C VAL B 232 26.02 -11.41 -23.15
N GLN B 233 24.76 -11.26 -22.73
CA GLN B 233 23.74 -12.27 -22.98
C GLN B 233 22.46 -11.58 -23.42
N PRO B 234 21.43 -12.31 -23.85
CA PRO B 234 20.27 -11.64 -24.48
C PRO B 234 19.68 -10.50 -23.66
N ASN B 235 19.36 -10.73 -22.39
CA ASN B 235 18.70 -9.73 -21.57
C ASN B 235 19.45 -9.49 -20.26
N GLY B 236 20.77 -9.58 -20.30
CA GLY B 236 21.56 -9.33 -19.11
C GLY B 236 23.02 -9.52 -19.42
N TRP B 237 23.83 -9.62 -18.36
CA TRP B 237 25.24 -9.89 -18.52
C TRP B 237 25.77 -10.48 -17.23
N LEU B 238 26.75 -11.39 -17.37
CA LEU B 238 27.37 -12.04 -16.23
C LEU B 238 28.88 -12.07 -16.46
N GLU B 239 29.62 -11.82 -15.39
CA GLU B 239 31.09 -11.89 -15.40
C GLU B 239 31.53 -13.18 -14.74
N TYR B 240 32.29 -14.00 -15.47
CA TYR B 240 32.89 -15.19 -14.89
C TYR B 240 34.27 -14.85 -14.35
N ILE B 241 34.59 -15.38 -13.18
CA ILE B 241 35.85 -15.13 -12.51
C ILE B 241 36.48 -16.46 -12.15
N ILE B 242 37.73 -16.66 -12.55
CA ILE B 242 38.51 -17.84 -12.18
C ILE B 242 39.66 -17.37 -11.31
N GLU B 243 39.70 -17.86 -10.08
CA GLU B 243 40.64 -17.35 -9.07
C GLU B 243 41.08 -18.53 -8.21
N ASN B 244 42.35 -18.92 -8.33
CA ASN B 244 42.89 -20.06 -7.60
C ASN B 244 42.11 -21.33 -7.95
N ASP B 245 41.97 -21.59 -9.24
CA ASP B 245 41.20 -22.73 -9.72
C ASP B 245 39.82 -22.79 -9.06
N GLU B 246 39.23 -21.63 -8.84
CA GLU B 246 37.87 -21.52 -8.32
C GLU B 246 37.05 -20.61 -9.21
N MET B 247 35.82 -21.02 -9.50
CA MET B 247 34.96 -20.36 -10.47
C MET B 247 33.87 -19.58 -9.74
N TYR B 248 33.83 -18.28 -9.99
CA TYR B 248 32.81 -17.40 -9.43
C TYR B 248 32.05 -16.72 -10.56
N ILE B 249 30.76 -16.50 -10.35
CA ILE B 249 29.92 -15.77 -11.30
C ILE B 249 29.38 -14.54 -10.57
N ASP B 250 29.72 -13.36 -11.10
CA ASP B 250 29.22 -12.09 -10.60
C ASP B 250 28.22 -11.53 -11.60
N GLY B 251 27.26 -10.76 -11.10
CA GLY B 251 26.25 -10.16 -11.96
C GLY B 251 25.26 -9.26 -11.23
N PRO B 252 24.57 -8.40 -11.97
CA PRO B 252 23.61 -7.50 -11.32
C PRO B 252 22.32 -8.23 -10.94
N VAL B 253 21.70 -7.78 -9.86
CA VAL B 253 20.41 -8.28 -9.41
C VAL B 253 19.55 -7.07 -9.07
N GLU B 254 18.26 -7.16 -9.39
CA GLU B 254 17.33 -6.08 -9.12
C GLU B 254 16.03 -6.65 -8.58
N ILE B 255 15.60 -6.14 -7.43
CA ILE B 255 14.32 -6.51 -6.84
C ILE B 255 13.24 -5.74 -7.58
N ILE B 256 12.27 -6.47 -8.14
CA ILE B 256 11.24 -5.86 -8.98
C ILE B 256 9.98 -5.57 -8.17
N ALA B 257 9.34 -6.62 -7.66
CA ALA B 257 8.04 -6.50 -7.02
C ALA B 257 7.96 -7.42 -5.82
N GLU B 258 6.88 -7.27 -5.05
CA GLU B 258 6.73 -7.98 -3.79
C GLU B 258 5.28 -7.93 -3.38
N GLY B 259 4.74 -9.07 -2.94
CA GLY B 259 3.39 -9.11 -2.42
C GLY B 259 2.70 -10.45 -2.47
N LYS B 260 1.40 -10.43 -2.78
CA LYS B 260 0.56 -11.63 -2.78
C LYS B 260 0.24 -12.06 -4.20
N ILE B 261 0.18 -13.37 -4.42
CA ILE B 261 -0.21 -13.95 -5.69
C ILE B 261 -1.38 -14.90 -5.46
N TYR B 262 -2.34 -14.89 -6.39
CA TYR B 262 -3.56 -15.66 -6.27
C TYR B 262 -3.56 -16.76 -7.33
N ILE B 263 -3.58 -18.02 -6.87
CA ILE B 263 -3.50 -19.18 -7.74
C ILE B 263 -4.55 -20.18 -7.30
N GLY B 264 -4.98 -21.02 -8.25
CA GLY B 264 -5.97 -22.03 -7.93
C GLY B 264 -5.41 -23.05 -6.94
N LYS B 265 -6.28 -23.51 -6.04
CA LYS B 265 -5.89 -24.46 -5.01
C LYS B 265 -6.16 -25.89 -5.45
N ASP C 2 5.60 24.50 -5.39
CA ASP C 2 5.95 24.02 -4.05
C ASP C 2 4.75 23.39 -3.37
N ARG C 3 4.23 22.31 -3.97
CA ARG C 3 3.09 21.58 -3.42
C ARG C 3 3.22 20.13 -3.86
N LYS C 4 3.38 19.23 -2.88
CA LYS C 4 3.68 17.83 -3.18
C LYS C 4 3.16 16.97 -2.04
N VAL C 5 2.33 15.98 -2.36
CA VAL C 5 1.73 15.09 -1.37
C VAL C 5 2.53 13.80 -1.32
N GLN C 6 2.86 13.36 -0.11
CA GLN C 6 3.60 12.12 0.13
C GLN C 6 2.63 11.08 0.69
N VAL C 7 2.61 9.90 0.08
CA VAL C 7 1.64 8.87 0.40
C VAL C 7 2.35 7.71 1.06
N LEU C 8 2.02 7.47 2.33
CA LEU C 8 2.66 6.45 3.13
C LEU C 8 1.65 5.37 3.53
N ASP C 9 2.17 4.18 3.81
CA ASP C 9 1.38 3.08 4.34
C ASP C 9 1.47 3.09 5.86
N PHE C 10 0.32 3.11 6.52
CA PHE C 10 0.26 3.27 7.97
C PHE C 10 -0.54 2.13 8.60
N ILE C 11 -0.20 1.83 9.85
CA ILE C 11 -0.93 0.89 10.68
C ILE C 11 -1.08 1.53 12.05
N LYS C 12 -2.33 1.69 12.51
CA LYS C 12 -2.59 2.27 13.82
C LYS C 12 -2.91 1.15 14.80
N ILE C 13 -2.13 1.06 15.88
CA ILE C 13 -2.23 -0.01 16.85
C ILE C 13 -2.40 0.62 18.23
N ASN C 14 -3.01 -0.14 19.15
CA ASN C 14 -3.25 0.29 20.51
C ASN C 14 -2.61 -0.68 21.48
N PRO C 15 -1.30 -0.56 21.74
CA PRO C 15 -0.66 -1.41 22.74
C PRO C 15 -0.85 -0.89 24.14
N ALA C 16 -1.92 -1.33 24.81
CA ALA C 16 -2.22 -0.93 26.18
C ALA C 16 -2.27 0.60 26.33
N GLY C 17 -2.95 1.25 25.39
CA GLY C 17 -3.13 2.68 25.45
C GLY C 17 -1.99 3.52 24.92
N ASN C 18 -0.84 2.91 24.60
CA ASN C 18 0.30 3.63 24.06
C ASN C 18 0.20 3.68 22.54
N ILE C 19 -0.70 4.56 22.07
CA ILE C 19 -1.06 4.59 20.65
C ILE C 19 0.18 4.69 19.79
N THR C 20 0.31 3.77 18.84
CA THR C 20 1.47 3.64 17.98
C THR C 20 1.04 3.67 16.52
N ILE C 21 1.82 4.35 15.70
CA ILE C 21 1.68 4.32 14.25
C ILE C 21 2.95 3.70 13.68
N LEU C 22 2.78 2.63 12.90
CA LEU C 22 3.87 2.00 12.19
C LEU C 22 3.74 2.33 10.71
N ILE C 23 4.84 2.82 10.12
CA ILE C 23 4.89 3.10 8.68
C ILE C 23 5.58 1.94 8.00
N ASP C 24 5.01 1.50 6.88
CA ASP C 24 5.48 0.33 6.14
C ASP C 24 6.10 0.76 4.81
N ASN C 25 7.08 -0.01 4.37
CA ASN C 25 7.66 0.14 3.02
C ASN C 25 8.33 1.50 2.83
N PHE C 26 8.85 2.07 3.92
CA PHE C 26 9.53 3.35 3.89
C PHE C 26 11.00 3.15 4.21
N ASP C 27 11.83 4.07 3.73
CA ASP C 27 13.26 4.05 4.04
C ASP C 27 13.44 4.39 5.53
N ILE C 28 13.79 3.36 6.33
CA ILE C 28 13.83 3.53 7.78
C ILE C 28 15.01 4.35 8.24
N TYR C 29 15.85 4.82 7.33
CA TYR C 29 16.98 5.68 7.64
C TYR C 29 16.87 7.01 6.90
N ASP C 30 15.65 7.50 6.73
CA ASP C 30 15.42 8.80 6.10
C ASP C 30 15.72 9.92 7.08
N LYS C 31 16.36 10.98 6.57
CA LYS C 31 16.61 12.14 7.43
C LYS C 31 15.30 12.75 7.92
N ASN C 32 14.28 12.80 7.05
CA ASN C 32 13.01 13.43 7.38
C ASN C 32 12.16 12.61 8.34
N ILE C 33 12.63 11.44 8.77
CA ILE C 33 11.84 10.61 9.68
C ILE C 33 11.37 11.39 10.90
N PRO C 34 12.24 12.07 11.65
CA PRO C 34 11.76 12.85 12.81
C PRO C 34 10.63 13.82 12.49
N LYS C 35 10.77 14.62 11.42
CA LYS C 35 9.74 15.59 11.08
C LYS C 35 8.45 14.89 10.64
N LEU C 36 8.58 13.79 9.89
CA LEU C 36 7.39 13.05 9.49
C LEU C 36 6.67 12.47 10.71
N SER C 37 7.44 11.97 11.69
CA SER C 37 6.81 11.43 12.90
C SER C 37 6.11 12.54 13.67
N GLU C 38 6.69 13.74 13.69
CA GLU C 38 6.10 14.84 14.44
C GLU C 38 4.73 15.22 13.88
N GLU C 39 4.63 15.38 12.56
CA GLU C 39 3.35 15.76 11.97
C GLU C 39 2.33 14.63 12.10
N ILE C 40 2.77 13.38 11.95
CA ILE C 40 1.84 12.26 12.01
C ILE C 40 1.25 12.13 13.41
N MET C 41 1.94 12.62 14.43
CA MET C 41 1.50 12.42 15.82
C MET C 41 0.46 13.46 16.26
N LYS C 42 0.34 14.57 15.53
CA LYS C 42 -0.56 15.63 15.97
C LYS C 42 -1.99 15.12 16.10
N GLU C 43 -2.76 15.81 16.96
CA GLU C 43 -4.19 15.56 17.05
C GLU C 43 -4.91 16.04 15.80
N THR C 44 -4.38 17.08 15.14
CA THR C 44 -4.91 17.56 13.86
C THR C 44 -4.51 16.66 12.69
N ASN C 45 -3.79 15.56 12.95
CA ASN C 45 -3.44 14.55 11.96
C ASN C 45 -4.02 13.21 12.43
N LEU C 46 -3.53 12.11 11.86
CA LEU C 46 -3.72 10.82 12.52
C LEU C 46 -3.14 10.92 13.93
N TYR C 47 -3.89 10.52 14.94
CA TYR C 47 -3.37 10.69 16.30
C TYR C 47 -2.42 9.55 16.64
N ALA C 48 -1.43 9.86 17.49
CA ALA C 48 -0.42 8.89 17.87
C ALA C 48 0.40 9.44 19.04
N GLU C 49 0.90 8.52 19.87
CA GLU C 49 1.87 8.84 20.91
C GLU C 49 3.30 8.51 20.51
N GLN C 50 3.49 7.66 19.50
CA GLN C 50 4.82 7.28 19.06
C GLN C 50 4.70 6.70 17.65
N VAL C 51 5.79 6.78 16.90
CA VAL C 51 5.80 6.37 15.50
C VAL C 51 6.96 5.41 15.28
N GLY C 52 6.70 4.36 14.48
CA GLY C 52 7.74 3.41 14.12
C GLY C 52 7.79 3.23 12.61
N PHE C 53 8.88 2.60 12.17
CA PHE C 53 9.13 2.38 10.74
C PHE C 53 9.62 0.96 10.55
N ILE C 54 8.90 0.19 9.74
CA ILE C 54 9.10 -1.25 9.62
C ILE C 54 10.04 -1.56 8.45
N LYS C 55 10.80 -2.63 8.61
CA LYS C 55 11.60 -3.17 7.51
C LYS C 55 11.83 -4.64 7.82
N ASP C 56 11.12 -5.52 7.12
CA ASP C 56 11.22 -6.97 7.33
C ASP C 56 10.83 -7.23 8.78
N SER C 57 11.71 -7.79 9.62
CA SER C 57 11.39 -8.09 11.00
C SER C 57 11.96 -7.06 11.98
N HIS C 58 12.41 -5.90 11.48
CA HIS C 58 12.99 -4.86 12.31
C HIS C 58 12.01 -3.69 12.47
N LEU C 59 12.04 -3.08 13.66
CA LEU C 59 11.25 -1.91 13.97
C LEU C 59 12.20 -0.77 14.34
N GLN C 60 12.13 0.32 13.59
CA GLN C 60 12.99 1.48 13.80
C GLN C 60 12.15 2.62 14.36
N MET C 61 12.24 2.84 15.67
CA MET C 61 11.48 3.91 16.30
C MET C 61 12.01 5.28 15.86
N MET C 62 11.15 6.29 16.00
CA MET C 62 11.39 7.59 15.38
C MET C 62 12.69 8.23 15.84
N GLY C 63 13.25 7.81 16.96
CA GLY C 63 14.47 8.41 17.45
C GLY C 63 15.64 7.46 17.58
N GLY C 64 15.36 6.16 17.43
CA GLY C 64 16.39 5.15 17.64
C GLY C 64 16.40 4.56 19.02
N GLU C 65 15.24 4.46 19.67
CA GLU C 65 15.12 4.06 21.06
C GLU C 65 14.17 2.88 21.17
N PHE C 66 14.41 2.05 22.18
CA PHE C 66 13.59 0.86 22.37
C PHE C 66 12.26 1.23 22.99
N SER C 67 11.22 0.50 22.59
CA SER C 67 9.89 0.64 23.17
C SER C 67 9.27 -0.75 23.25
N GLY C 68 9.03 -1.23 24.47
CA GLY C 68 8.37 -2.51 24.63
C GLY C 68 6.96 -2.52 24.07
N ASN C 69 6.24 -1.42 24.26
CA ASN C 69 4.87 -1.34 23.73
C ASN C 69 4.87 -1.41 22.21
N ALA C 70 5.72 -0.60 21.56
CA ALA C 70 5.79 -0.62 20.10
C ALA C 70 6.16 -2.01 19.59
N SER C 71 7.20 -2.62 20.16
CA SER C 71 7.58 -3.96 19.75
C SER C 71 6.42 -4.94 19.91
N ARG C 72 5.72 -4.87 21.04
CA ARG C 72 4.51 -5.66 21.22
C ARG C 72 3.49 -5.37 20.13
N ALA C 73 3.38 -4.10 19.72
CA ALA C 73 2.46 -3.76 18.64
C ALA C 73 2.94 -4.33 17.30
N PHE C 74 4.24 -4.19 17.02
CA PHE C 74 4.80 -4.76 15.79
C PHE C 74 4.58 -6.26 15.72
N ALA C 75 4.94 -6.99 16.78
CA ALA C 75 4.75 -8.43 16.78
C ALA C 75 3.27 -8.79 16.58
N SER C 76 2.38 -8.08 17.27
CA SER C 76 0.95 -8.33 17.09
C SER C 76 0.56 -8.13 15.63
N LEU C 77 1.15 -7.15 14.96
CA LEU C 77 0.87 -6.93 13.54
C LEU C 77 1.34 -8.11 12.71
N LEU C 78 2.55 -8.60 12.98
CA LEU C 78 3.03 -9.77 12.28
C LEU C 78 2.05 -10.93 12.42
N ALA C 79 1.51 -11.13 13.62
CA ALA C 79 0.49 -12.16 13.82
C ALA C 79 -0.79 -11.83 13.08
N PHE C 80 -1.13 -10.54 12.99
CA PHE C 80 -2.32 -10.13 12.26
C PHE C 80 -2.23 -10.50 10.79
N ARG C 81 -1.02 -10.42 10.22
CA ARG C 81 -0.82 -10.67 8.80
C ARG C 81 -0.41 -12.11 8.50
N ASP C 82 -0.18 -12.93 9.52
CA ASP C 82 0.20 -14.33 9.33
C ASP C 82 -1.06 -15.16 9.14
N LYS C 83 -1.30 -15.61 7.91
CA LYS C 83 -2.49 -16.42 7.63
C LYS C 83 -2.50 -17.71 8.44
N ASP C 84 -1.36 -18.12 8.96
CA ASP C 84 -1.24 -19.38 9.70
C ASP C 84 -1.24 -19.19 11.21
N PHE C 85 -1.46 -17.96 11.69
CA PHE C 85 -1.58 -17.73 13.13
C PHE C 85 -2.93 -18.25 13.61
N SER C 86 -2.92 -19.13 14.60
CA SER C 86 -4.15 -19.73 15.12
C SER C 86 -4.52 -19.08 16.44
N LYS C 87 -3.90 -19.53 17.54
CA LYS C 87 -4.14 -18.96 18.86
C LYS C 87 -2.87 -18.54 19.58
N GLN C 88 -1.70 -19.05 19.19
CA GLN C 88 -0.44 -18.64 19.79
C GLN C 88 0.68 -18.93 18.79
N LYS C 89 1.66 -18.04 18.75
CA LYS C 89 2.80 -18.18 17.87
C LYS C 89 3.88 -17.20 18.32
N ASN C 90 5.12 -17.65 18.32
CA ASN C 90 6.24 -16.81 18.71
C ASN C 90 6.83 -16.14 17.49
N TYR C 91 7.17 -14.86 17.64
CA TYR C 91 7.69 -14.05 16.55
C TYR C 91 9.01 -13.43 16.97
N ASN C 92 10.00 -13.50 16.09
CA ASN C 92 11.33 -12.97 16.34
C ASN C 92 11.50 -11.66 15.60
N ILE C 93 11.70 -10.58 16.35
CA ILE C 93 11.80 -9.25 15.78
C ILE C 93 13.00 -8.54 16.41
N THR C 94 13.27 -7.33 15.91
CA THR C 94 14.31 -6.47 16.44
C THR C 94 13.77 -5.06 16.58
N CYS C 95 14.41 -4.30 17.47
CA CYS C 95 13.98 -2.93 17.76
C CYS C 95 15.19 -2.03 17.94
N SER C 96 15.09 -0.82 17.38
CA SER C 96 16.16 0.15 17.54
C SER C 96 16.44 0.40 19.01
N GLY C 97 17.72 0.39 19.38
CA GLY C 97 18.11 0.56 20.75
C GLY C 97 18.14 -0.70 21.57
N GLU C 98 18.04 -1.87 20.94
CA GLU C 98 18.06 -3.16 21.61
C GLU C 98 18.99 -4.08 20.84
N SER C 99 20.13 -4.41 21.44
CA SER C 99 21.15 -5.18 20.74
C SER C 99 20.77 -6.64 20.56
N LYS C 100 19.85 -7.16 21.36
CA LYS C 100 19.48 -8.56 21.33
C LYS C 100 18.15 -8.76 20.63
N VAL C 101 18.04 -9.88 19.91
CA VAL C 101 16.81 -10.22 19.23
C VAL C 101 15.71 -10.45 20.26
N LEU C 102 14.48 -10.07 19.91
CA LEU C 102 13.35 -10.08 20.83
C LEU C 102 12.35 -11.14 20.39
N ASP C 103 12.31 -12.26 21.11
CA ASP C 103 11.32 -13.30 20.90
C ASP C 103 10.03 -12.88 21.59
N VAL C 104 8.97 -12.63 20.81
CA VAL C 104 7.71 -12.12 21.34
C VAL C 104 6.66 -13.23 21.25
N ASP C 105 5.95 -13.45 22.35
CA ASP C 105 4.93 -14.48 22.44
C ASP C 105 3.57 -13.82 22.22
N VAL C 106 2.99 -14.02 21.04
CA VAL C 106 1.71 -13.42 20.66
C VAL C 106 0.62 -14.47 20.76
N ARG C 107 -0.52 -14.09 21.34
CA ARG C 107 -1.66 -14.98 21.49
C ARG C 107 -2.94 -14.21 21.20
N ASN C 108 -3.97 -14.94 20.77
CA ASN C 108 -5.27 -14.34 20.50
C ASN C 108 -5.87 -13.80 21.79
N ASP C 109 -6.65 -12.72 21.65
CA ASP C 109 -7.22 -12.02 22.79
C ASP C 109 -8.72 -11.78 22.65
N GLY C 110 -9.37 -12.41 21.68
CA GLY C 110 -10.81 -12.33 21.58
C GLY C 110 -11.33 -12.19 20.17
N ALA C 111 -10.49 -11.71 19.26
CA ALA C 111 -10.87 -11.53 17.87
C ALA C 111 -9.60 -11.45 17.04
N LYS C 112 -9.76 -11.23 15.74
CA LYS C 112 -8.62 -11.26 14.84
C LYS C 112 -7.74 -10.02 14.98
N ASN C 113 -8.28 -8.93 15.54
CA ASN C 113 -7.50 -7.71 15.72
C ASN C 113 -7.00 -7.55 17.16
N LYS C 114 -7.32 -8.47 18.04
CA LYS C 114 -6.95 -8.38 19.45
C LYS C 114 -5.91 -9.43 19.79
N PHE C 115 -4.88 -9.03 20.52
CA PHE C 115 -3.76 -9.91 20.82
C PHE C 115 -3.22 -9.63 22.22
N LEU C 116 -2.61 -10.66 22.80
CA LEU C 116 -1.82 -10.54 24.02
C LEU C 116 -0.38 -10.84 23.66
N ALA C 117 0.52 -9.89 23.91
CA ALA C 117 1.91 -10.00 23.49
C ALA C 117 2.84 -9.87 24.69
N LYS C 118 3.67 -10.88 24.90
CA LYS C 118 4.66 -10.88 25.97
C LYS C 118 6.06 -10.71 25.38
N ILE C 119 6.87 -9.86 26.01
CA ILE C 119 8.17 -9.46 25.50
C ILE C 119 9.15 -9.37 26.65
N LYS C 120 10.42 -9.66 26.35
CA LYS C 120 11.49 -9.52 27.34
C LYS C 120 11.94 -8.06 27.40
N MET C 121 12.02 -7.50 28.62
CA MET C 121 12.40 -6.11 28.74
C MET C 121 13.85 -5.98 29.19
N PRO C 122 14.53 -4.89 28.80
CA PRO C 122 15.87 -4.62 29.34
C PRO C 122 15.92 -4.74 30.85
N LYS C 123 17.05 -5.24 31.35
CA LYS C 123 17.28 -5.32 32.78
C LYS C 123 17.64 -3.95 33.33
N PHE C 124 17.47 -3.79 34.64
CA PHE C 124 17.81 -2.54 35.30
C PHE C 124 19.32 -2.45 35.50
N LEU C 125 19.82 -1.23 35.52
CA LEU C 125 21.23 -0.97 35.81
C LEU C 125 21.47 -0.65 37.27
N SER C 126 20.46 -0.15 37.98
CA SER C 126 20.55 0.10 39.42
C SER C 126 19.18 -0.07 40.04
N LEU C 127 19.16 -0.50 41.30
CA LEU C 127 17.94 -0.62 42.08
C LEU C 127 18.28 -0.19 43.51
N GLU C 128 17.53 0.76 44.05
CA GLU C 128 17.88 1.38 45.32
C GLU C 128 16.63 2.03 45.91
N GLU C 129 16.64 2.17 47.23
CA GLU C 129 15.58 2.89 47.94
C GLU C 129 16.12 4.26 48.34
N ILE C 130 15.56 5.32 47.75
CA ILE C 130 15.88 6.68 48.11
C ILE C 130 14.86 7.15 49.16
N ASN C 131 15.26 8.15 49.95
CA ASN C 131 14.40 8.74 50.99
C ASN C 131 14.55 10.25 50.93
N VAL C 132 13.68 10.92 50.16
CA VAL C 132 13.73 12.37 50.03
C VAL C 132 12.84 12.99 51.10
N ASP C 133 13.30 14.13 51.64
CA ASP C 133 12.60 14.84 52.70
C ASP C 133 11.89 13.88 53.64
N GLU C 134 10.57 13.79 53.55
CA GLU C 134 9.80 12.92 54.43
C GLU C 134 9.45 11.57 53.81
N TYR C 135 9.53 11.45 52.50
CA TYR C 135 9.01 10.30 51.78
C TYR C 135 10.14 9.39 51.30
N LYS C 136 9.79 8.13 51.03
CA LYS C 136 10.71 7.16 50.44
C LYS C 136 10.21 6.77 49.06
N LEU C 137 11.14 6.31 48.22
CA LEU C 137 10.88 6.07 46.81
C LEU C 137 11.98 5.17 46.26
N GLY C 138 11.58 4.15 45.51
CA GLY C 138 12.51 3.16 45.01
C GLY C 138 13.02 3.43 43.62
N LEU C 139 14.19 4.06 43.51
CA LEU C 139 14.80 4.30 42.21
C LEU C 139 15.16 2.99 41.53
N VAL C 140 14.73 2.81 40.30
CA VAL C 140 15.14 1.70 39.44
C VAL C 140 15.68 2.34 38.17
N ARG C 141 17.00 2.48 38.07
CA ARG C 141 17.62 3.17 36.95
C ARG C 141 17.66 2.27 35.71
N PHE C 142 17.76 2.91 34.55
CA PHE C 142 17.90 2.21 33.27
C PHE C 142 18.77 3.06 32.34
N SER C 143 19.24 2.43 31.26
CA SER C 143 19.96 3.17 30.22
C SER C 143 18.99 4.03 29.42
N GLY C 144 18.79 5.28 29.83
CA GLY C 144 17.85 6.16 29.17
C GLY C 144 17.01 6.96 30.13
N ILE C 145 16.23 6.26 30.96
CA ILE C 145 15.35 6.90 31.94
C ILE C 145 15.58 6.24 33.30
N ASN C 146 15.42 7.02 34.37
CA ASN C 146 15.49 6.53 35.74
C ASN C 146 14.11 6.68 36.36
N HIS C 147 13.47 5.54 36.68
CA HIS C 147 12.12 5.53 37.22
C HIS C 147 12.16 5.60 38.74
N PHE C 148 11.23 6.37 39.31
CA PHE C 148 11.17 6.64 40.73
C PHE C 148 9.86 6.07 41.27
N ILE C 149 9.91 4.87 41.86
CA ILE C 149 8.71 4.25 42.41
C ILE C 149 8.28 5.01 43.67
N PHE C 150 6.97 5.10 43.89
CA PHE C 150 6.41 5.71 45.10
C PHE C 150 5.19 4.89 45.49
N ASN C 151 5.27 4.19 46.63
CA ASN C 151 4.13 3.48 47.19
C ASN C 151 3.31 4.45 48.03
N ILE C 152 2.05 4.67 47.64
CA ILE C 152 1.26 5.68 48.33
C ILE C 152 0.67 5.12 49.64
N LYS C 153 0.34 3.82 49.67
CA LYS C 153 -0.13 3.22 50.90
C LYS C 153 0.98 3.18 51.96
N GLU C 154 2.23 3.12 51.53
CA GLU C 154 3.37 3.04 52.44
C GLU C 154 4.06 4.40 52.64
N ASN C 155 3.32 5.49 52.46
CA ASN C 155 3.89 6.83 52.63
C ASN C 155 2.83 7.74 53.24
N LYS C 156 3.30 8.77 53.94
CA LYS C 156 2.39 9.72 54.57
C LYS C 156 1.57 10.45 53.51
N GLU C 157 0.56 11.18 53.98
CA GLU C 157 -0.28 11.96 53.08
C GLU C 157 0.56 12.95 52.29
N THR C 158 0.33 13.01 50.99
CA THR C 158 1.13 13.85 50.12
C THR C 158 0.32 14.28 48.90
N SER C 159 0.91 15.21 48.15
CA SER C 159 0.39 15.65 46.86
C SER C 159 1.27 15.11 45.75
N PHE C 160 0.65 14.74 44.63
CA PHE C 160 1.43 14.29 43.47
C PHE C 160 2.44 15.35 43.05
N GLU C 161 1.99 16.61 42.96
CA GLU C 161 2.88 17.66 42.47
C GLU C 161 4.02 17.91 43.44
N ASN C 162 3.73 17.88 44.74
CA ASN C 162 4.79 18.01 45.74
C ASN C 162 5.92 17.02 45.47
N ILE C 163 5.57 15.74 45.33
CA ILE C 163 6.57 14.71 45.05
C ILE C 163 7.33 15.05 43.77
N ILE C 164 6.59 15.30 42.69
CA ILE C 164 7.21 15.59 41.40
C ILE C 164 8.29 16.67 41.56
N ASP C 165 7.96 17.75 42.26
CA ASP C 165 8.93 18.80 42.50
C ASP C 165 10.12 18.27 43.30
N LEU C 166 9.85 17.57 44.40
CA LEU C 166 10.92 17.04 45.23
C LEU C 166 11.88 16.19 44.40
N VAL C 167 11.35 15.35 43.51
CA VAL C 167 12.20 14.49 42.70
C VAL C 167 12.97 15.33 41.69
N LYS C 168 12.31 16.29 41.04
CA LYS C 168 12.99 17.14 40.08
C LYS C 168 14.17 17.86 40.72
N LYS C 169 14.10 18.13 42.02
CA LYS C 169 15.23 18.77 42.70
C LYS C 169 16.37 17.78 42.91
N TYR C 170 16.04 16.50 43.17
CA TYR C 170 17.05 15.46 43.17
C TYR C 170 17.87 15.51 41.89
N LEU C 171 17.19 15.43 40.74
CA LEU C 171 17.85 15.28 39.45
C LEU C 171 18.66 16.51 39.06
N SER C 172 18.65 17.59 39.85
CA SER C 172 19.43 18.77 39.51
C SER C 172 20.91 18.44 39.39
N ASN C 173 21.46 17.75 40.38
CA ASN C 173 22.88 17.41 40.39
C ASN C 173 23.21 16.17 39.57
N GLU C 174 22.23 15.59 38.88
CA GLU C 174 22.45 14.42 38.03
C GLU C 174 21.96 14.72 36.63
N GLU C 175 22.86 14.60 35.65
CA GLU C 175 22.47 14.79 34.26
C GLU C 175 21.43 13.76 33.86
N TYR C 176 20.26 14.22 33.44
CA TYR C 176 19.13 13.36 33.12
C TYR C 176 18.49 13.84 31.83
N SER C 177 18.51 12.98 30.81
CA SER C 177 17.74 13.27 29.60
C SER C 177 16.24 13.13 29.83
N ALA C 178 15.84 12.38 30.85
CA ALA C 178 14.43 12.18 31.18
C ALA C 178 14.35 11.42 32.50
N PHE C 179 13.13 11.36 33.05
CA PHE C 179 12.89 10.63 34.28
C PHE C 179 11.39 10.39 34.42
N GLY C 180 11.05 9.40 35.24
CA GLY C 180 9.66 9.03 35.44
C GLY C 180 9.37 8.76 36.90
N ILE C 181 8.08 8.78 37.23
CA ILE C 181 7.61 8.60 38.59
C ILE C 181 6.39 7.68 38.56
N MET C 182 6.52 6.50 39.15
CA MET C 182 5.46 5.50 39.16
C MET C 182 4.66 5.68 40.46
N PHE C 183 3.51 6.35 40.37
CA PHE C 183 2.63 6.53 41.52
C PHE C 183 1.83 5.25 41.72
N PHE C 184 2.27 4.43 42.68
CA PHE C 184 1.77 3.06 42.83
C PHE C 184 0.85 2.96 44.04
N ASP C 185 -0.34 2.40 43.82
CA ASP C 185 -1.33 2.17 44.86
C ASP C 185 -1.47 0.67 45.05
N SER C 186 -1.10 0.18 46.24
CA SER C 186 -1.08 -1.26 46.48
C SER C 186 -2.49 -1.85 46.58
N ASP C 187 -3.46 -1.07 47.06
CA ASP C 187 -4.80 -1.61 47.27
C ASP C 187 -5.42 -2.08 45.95
N ASN C 188 -5.28 -1.29 44.90
CA ASN C 188 -5.88 -1.60 43.61
C ASN C 188 -4.85 -1.99 42.56
N LEU C 189 -3.58 -2.14 42.94
CA LEU C 189 -2.52 -2.47 42.00
C LEU C 189 -2.52 -1.51 40.82
N SER C 190 -2.86 -0.25 41.07
CA SER C 190 -2.88 0.77 40.06
C SER C 190 -1.53 1.49 40.00
N MET C 191 -1.34 2.27 38.94
CA MET C 191 -0.06 2.95 38.72
C MET C 191 -0.29 4.09 37.74
N LYS C 192 0.04 5.32 38.15
CA LYS C 192 -0.08 6.48 37.29
C LYS C 192 1.31 6.84 36.76
N PRO C 193 1.62 6.52 35.50
CA PRO C 193 2.98 6.80 35.00
C PRO C 193 3.19 8.25 34.65
N TYR C 194 3.81 9.00 35.56
CA TYR C 194 4.21 10.37 35.30
C TYR C 194 5.61 10.38 34.67
N VAL C 195 5.78 11.17 33.61
CA VAL C 195 7.05 11.26 32.90
C VAL C 195 7.40 12.73 32.73
N TYR C 196 8.69 12.99 32.52
CA TYR C 196 9.19 14.35 32.35
C TYR C 196 10.38 14.33 31.41
N VAL C 197 10.52 15.39 30.63
CA VAL C 197 11.63 15.55 29.70
C VAL C 197 12.12 16.99 29.77
N LYS C 198 13.45 17.15 29.83
CA LYS C 198 14.02 18.50 29.90
C LYS C 198 13.63 19.33 28.67
N GLU C 199 13.66 18.72 27.49
CA GLU C 199 13.27 19.44 26.28
C GLU C 199 11.82 19.88 26.36
N VAL C 200 10.93 18.96 26.76
CA VAL C 200 9.50 19.29 26.85
C VAL C 200 9.26 20.34 27.93
N GLY C 201 10.07 20.33 29.00
CA GLY C 201 9.87 21.26 30.09
C GLY C 201 8.60 21.06 30.88
N SER C 202 7.92 19.93 30.68
CA SER C 202 6.66 19.67 31.36
C SER C 202 6.44 18.17 31.40
N GLY C 203 5.53 17.75 32.29
CA GLY C 203 5.25 16.35 32.49
C GLY C 203 3.96 15.90 31.82
N VAL C 204 3.81 14.57 31.73
CA VAL C 204 2.60 13.97 31.19
C VAL C 204 2.36 12.67 31.95
N TYR C 205 1.10 12.33 32.14
CA TYR C 205 0.68 11.09 32.79
C TYR C 205 0.28 10.12 31.69
N GLU C 206 1.21 9.25 31.29
CA GLU C 206 0.99 8.40 30.14
C GLU C 206 -0.16 7.43 30.40
N ASN C 207 -0.73 6.92 29.31
CA ASN C 207 -1.75 5.89 29.44
C ASN C 207 -1.15 4.55 29.81
N SER C 208 0.12 4.33 29.47
CA SER C 208 0.82 3.11 29.86
C SER C 208 2.31 3.35 29.70
N CYS C 209 3.09 2.65 30.52
CA CYS C 209 4.55 2.66 30.44
C CYS C 209 5.05 1.25 30.74
N ALA C 210 5.48 0.52 29.71
CA ALA C 210 5.99 -0.83 29.91
C ALA C 210 7.28 -0.81 30.73
N SER C 211 8.17 0.15 30.44
CA SER C 211 9.41 0.26 31.19
C SER C 211 9.16 0.70 32.63
N GLY C 212 8.06 1.40 32.89
CA GLY C 212 7.70 1.81 34.23
C GLY C 212 7.08 0.68 35.03
N THR C 213 6.22 -0.10 34.38
CA THR C 213 5.73 -1.33 35.01
C THR C 213 6.89 -2.28 35.31
N THR C 214 7.91 -2.29 34.46
CA THR C 214 9.11 -3.09 34.75
C THR C 214 9.80 -2.58 36.00
N ALA C 215 10.07 -1.28 36.08
CA ALA C 215 10.70 -0.71 37.27
C ALA C 215 9.89 -1.06 38.51
N LEU C 216 8.58 -0.85 38.45
CA LEU C 216 7.70 -1.25 39.56
C LEU C 216 7.93 -2.71 39.93
N GLY C 217 7.95 -3.60 38.92
CA GLY C 217 8.07 -5.02 39.21
C GLY C 217 9.36 -5.35 39.94
N TYR C 218 10.48 -4.81 39.46
CA TYR C 218 11.75 -5.04 40.13
C TYR C 218 11.67 -4.66 41.60
N TYR C 219 11.21 -3.44 41.88
CA TYR C 219 11.12 -2.98 43.26
C TYR C 219 10.15 -3.84 44.08
N LEU C 220 9.08 -4.33 43.45
CA LEU C 220 8.14 -5.18 44.18
C LEU C 220 8.73 -6.55 44.45
N LYS C 221 9.62 -7.02 43.58
CA LYS C 221 10.24 -8.32 43.80
C LYS C 221 11.19 -8.29 44.99
N LYS C 222 11.80 -7.13 45.27
CA LYS C 222 12.68 -6.98 46.42
C LYS C 222 11.89 -6.63 47.69
N CYS C 223 11.00 -5.65 47.59
CA CYS C 223 10.29 -5.12 48.74
C CYS C 223 9.15 -6.03 49.19
N LYS C 224 8.67 -6.93 48.33
CA LYS C 224 7.59 -7.84 48.68
C LYS C 224 7.91 -9.30 48.36
N ASN C 225 8.83 -9.58 47.44
CA ASN C 225 9.01 -10.92 46.88
C ASN C 225 7.82 -11.29 45.99
N LEU C 226 7.31 -10.30 45.27
CA LEU C 226 6.22 -10.47 44.32
C LEU C 226 6.82 -10.67 42.93
N ASP C 227 6.65 -11.88 42.39
CA ASP C 227 7.28 -12.22 41.11
C ASP C 227 6.47 -11.71 39.91
N ARG C 228 5.15 -11.63 40.02
CA ARG C 228 4.33 -11.17 38.92
C ARG C 228 3.06 -10.51 39.44
N ALA C 229 2.50 -9.63 38.63
CA ALA C 229 1.27 -8.92 39.00
C ALA C 229 0.78 -8.12 37.80
N LYS C 230 -0.54 -7.94 37.72
CA LYS C 230 -1.17 -7.16 36.67
C LYS C 230 -1.41 -5.75 37.20
N ILE C 231 -0.80 -4.76 36.55
CA ILE C 231 -0.81 -3.39 37.03
C ILE C 231 -1.76 -2.58 36.14
N VAL C 232 -2.88 -2.17 36.71
CA VAL C 232 -3.84 -1.33 36.00
C VAL C 232 -3.29 0.09 35.91
N GLN C 233 -3.49 0.72 34.76
CA GLN C 233 -2.92 2.02 34.43
C GLN C 233 -3.99 2.94 33.88
N PRO C 234 -3.67 4.22 33.65
CA PRO C 234 -4.72 5.19 33.31
C PRO C 234 -5.63 4.76 32.17
N ASN C 235 -5.08 4.23 31.08
CA ASN C 235 -5.86 3.79 29.93
C ASN C 235 -5.25 2.51 29.35
N GLY C 236 -5.19 1.48 30.17
CA GLY C 236 -4.62 0.21 29.76
C GLY C 236 -4.07 -0.53 30.97
N TRP C 237 -3.70 -1.80 30.74
CA TRP C 237 -3.11 -2.63 31.77
C TRP C 237 -1.96 -3.44 31.19
N LEU C 238 -0.90 -3.57 31.97
CA LEU C 238 0.25 -4.40 31.62
C LEU C 238 0.58 -5.30 32.81
N GLU C 239 0.97 -6.53 32.52
CA GLU C 239 1.40 -7.48 33.54
C GLU C 239 2.91 -7.64 33.46
N TYR C 240 3.55 -7.66 34.63
CA TYR C 240 4.98 -7.94 34.72
C TYR C 240 5.17 -9.36 35.24
N ILE C 241 6.13 -10.06 34.64
CA ILE C 241 6.42 -11.45 35.00
C ILE C 241 7.94 -11.60 35.10
N ILE C 242 8.43 -11.82 36.32
CA ILE C 242 9.85 -12.07 36.55
C ILE C 242 10.08 -13.58 36.54
N GLU C 243 10.98 -14.04 35.68
CA GLU C 243 11.20 -15.47 35.47
C GLU C 243 12.67 -15.72 35.21
N ASN C 244 13.26 -16.62 36.00
CA ASN C 244 14.68 -16.96 35.86
C ASN C 244 15.55 -15.71 35.89
N ASP C 245 15.14 -14.73 36.67
CA ASP C 245 15.85 -13.45 36.75
C ASP C 245 15.82 -12.72 35.40
N GLU C 246 14.69 -12.81 34.71
CA GLU C 246 14.48 -12.11 33.44
C GLU C 246 13.09 -11.50 33.46
N MET C 247 13.01 -10.24 33.01
CA MET C 247 11.79 -9.46 33.10
C MET C 247 11.00 -9.54 31.80
N TYR C 248 9.72 -9.90 31.92
CA TYR C 248 8.80 -9.94 30.80
C TYR C 248 7.66 -8.95 31.05
N ILE C 249 7.07 -8.45 29.96
CA ILE C 249 5.91 -7.58 30.02
C ILE C 249 4.84 -8.19 29.13
N ASP C 250 3.68 -8.51 29.71
CA ASP C 250 2.52 -8.97 28.99
C ASP C 250 1.47 -7.87 28.96
N GLY C 251 0.63 -7.89 27.93
CA GLY C 251 -0.40 -6.90 27.79
C GLY C 251 -1.18 -7.05 26.51
N PRO C 252 -2.25 -6.26 26.36
CA PRO C 252 -3.09 -6.36 25.17
C PRO C 252 -2.69 -5.38 24.08
N VAL C 253 -2.92 -5.80 22.85
CA VAL C 253 -2.63 -5.00 21.67
C VAL C 253 -3.78 -5.18 20.69
N GLU C 254 -4.45 -4.09 20.32
CA GLU C 254 -5.51 -4.12 19.33
C GLU C 254 -5.06 -3.39 18.06
N ILE C 255 -5.33 -4.00 16.91
CA ILE C 255 -5.11 -3.35 15.63
C ILE C 255 -6.31 -2.47 15.33
N ILE C 256 -6.06 -1.16 15.19
CA ILE C 256 -7.15 -0.21 15.04
C ILE C 256 -7.51 0.00 13.58
N ALA C 257 -6.51 0.33 12.75
CA ALA C 257 -6.77 0.69 11.36
C ALA C 257 -5.48 0.60 10.57
N GLU C 258 -5.62 0.63 9.25
CA GLU C 258 -4.47 0.64 8.36
C GLU C 258 -4.92 1.13 6.99
N GLY C 259 -3.96 1.66 6.24
CA GLY C 259 -4.25 2.19 4.93
C GLY C 259 -3.20 3.18 4.47
N LYS C 260 -3.66 4.35 4.02
CA LYS C 260 -2.77 5.37 3.46
C LYS C 260 -2.89 6.65 4.28
N ILE C 261 -1.81 7.41 4.32
CA ILE C 261 -1.77 8.71 4.97
C ILE C 261 -1.09 9.69 4.03
N TYR C 262 -1.61 10.91 3.96
CA TYR C 262 -1.14 11.92 3.02
C TYR C 262 -0.46 13.04 3.79
N ILE C 263 0.83 13.23 3.54
CA ILE C 263 1.62 14.25 4.20
C ILE C 263 2.26 15.13 3.13
N GLY C 264 2.00 16.43 3.21
CA GLY C 264 2.68 17.37 2.35
C GLY C 264 4.17 17.42 2.65
N LYS C 265 4.94 17.77 1.62
CA LYS C 265 6.40 17.85 1.76
C LYS C 265 6.83 19.23 1.27
N ARG D 3 20.70 6.61 -6.31
CA ARG D 3 19.35 6.96 -6.73
C ARG D 3 18.32 6.48 -5.70
N LYS D 4 17.09 6.96 -5.84
CA LYS D 4 16.03 6.68 -4.89
C LYS D 4 14.99 5.76 -5.53
N VAL D 5 14.62 4.72 -4.79
CA VAL D 5 13.60 3.79 -5.25
C VAL D 5 12.22 4.39 -5.00
N GLN D 6 11.34 4.26 -5.97
CA GLN D 6 9.96 4.70 -5.89
C GLN D 6 9.09 3.46 -5.68
N VAL D 7 8.29 3.46 -4.63
CA VAL D 7 7.50 2.30 -4.22
C VAL D 7 6.04 2.57 -4.59
N LEU D 8 5.51 1.77 -5.52
CA LEU D 8 4.16 1.97 -6.04
C LEU D 8 3.31 0.73 -5.79
N ASP D 9 2.03 0.95 -5.48
CA ASP D 9 1.09 -0.15 -5.32
C ASP D 9 0.60 -0.62 -6.69
N PHE D 10 0.69 -1.92 -6.93
CA PHE D 10 0.34 -2.49 -8.23
C PHE D 10 -0.72 -3.57 -8.07
N ILE D 11 -1.44 -3.82 -9.15
CA ILE D 11 -2.31 -4.98 -9.30
C ILE D 11 -2.11 -5.53 -10.70
N LYS D 12 -1.70 -6.79 -10.80
CA LYS D 12 -1.56 -7.48 -12.08
C LYS D 12 -2.83 -8.27 -12.34
N ILE D 13 -3.45 -8.03 -13.49
CA ILE D 13 -4.74 -8.63 -13.82
C ILE D 13 -4.64 -9.22 -15.22
N ASN D 14 -5.38 -10.31 -15.43
CA ASN D 14 -5.39 -11.02 -16.71
C ASN D 14 -6.76 -10.90 -17.36
N PRO D 15 -7.04 -9.82 -18.11
CA PRO D 15 -8.32 -9.72 -18.82
C PRO D 15 -8.30 -10.39 -20.17
N ALA D 16 -8.72 -11.66 -20.22
CA ALA D 16 -8.78 -12.43 -21.45
C ALA D 16 -7.42 -12.53 -22.14
N GLY D 17 -6.34 -12.42 -21.38
CA GLY D 17 -5.00 -12.48 -21.94
C GLY D 17 -4.38 -11.15 -22.27
N ASN D 18 -5.12 -10.04 -22.14
CA ASN D 18 -4.58 -8.70 -22.37
C ASN D 18 -3.97 -8.19 -21.06
N ILE D 19 -2.81 -8.75 -20.73
CA ILE D 19 -2.16 -8.52 -19.45
C ILE D 19 -2.03 -7.02 -19.20
N THR D 20 -2.56 -6.55 -18.07
CA THR D 20 -2.57 -5.14 -17.71
C THR D 20 -2.22 -5.00 -16.24
N ILE D 21 -1.53 -3.91 -15.91
CA ILE D 21 -1.12 -3.61 -14.55
C ILE D 21 -1.75 -2.28 -14.15
N LEU D 22 -2.42 -2.25 -13.01
CA LEU D 22 -3.04 -1.05 -12.50
C LEU D 22 -2.25 -0.54 -11.31
N ILE D 23 -1.84 0.72 -11.39
CA ILE D 23 -1.16 1.40 -10.28
C ILE D 23 -2.22 2.13 -9.46
N ASP D 24 -2.07 2.10 -8.13
CA ASP D 24 -3.03 2.68 -7.21
C ASP D 24 -2.37 3.80 -6.41
N ASN D 25 -3.17 4.79 -6.03
CA ASN D 25 -2.75 5.85 -5.11
C ASN D 25 -1.61 6.69 -5.68
N PHE D 26 -1.58 6.83 -7.00
CA PHE D 26 -0.57 7.60 -7.70
C PHE D 26 -1.22 8.81 -8.36
N ASP D 27 -0.45 9.87 -8.56
CA ASP D 27 -0.92 11.05 -9.28
C ASP D 27 -1.14 10.68 -10.75
N ILE D 28 -2.41 10.54 -11.15
CA ILE D 28 -2.73 10.03 -12.47
C ILE D 28 -2.38 11.00 -13.59
N TYR D 29 -1.99 12.22 -13.26
CA TYR D 29 -1.59 13.23 -14.24
C TYR D 29 -0.12 13.57 -14.09
N ASP D 30 0.70 12.59 -13.73
CA ASP D 30 2.13 12.79 -13.58
C ASP D 30 2.81 12.79 -14.95
N LYS D 31 3.68 13.76 -15.18
CA LYS D 31 4.37 13.86 -16.47
C LYS D 31 5.14 12.60 -16.78
N ASN D 32 5.69 11.94 -15.77
CA ASN D 32 6.51 10.74 -15.96
C ASN D 32 5.68 9.47 -16.16
N ILE D 33 4.36 9.59 -16.30
CA ILE D 33 3.54 8.40 -16.47
C ILE D 33 4.05 7.51 -17.60
N PRO D 34 4.34 8.01 -18.79
CA PRO D 34 4.77 7.11 -19.88
C PRO D 34 6.07 6.38 -19.58
N LYS D 35 7.05 7.06 -18.98
CA LYS D 35 8.32 6.41 -18.67
C LYS D 35 8.13 5.28 -17.66
N LEU D 36 7.40 5.56 -16.57
CA LEU D 36 7.06 4.49 -15.64
C LEU D 36 6.35 3.36 -16.35
N SER D 37 5.40 3.69 -17.23
CA SER D 37 4.65 2.67 -17.95
C SER D 37 5.60 1.77 -18.74
N GLU D 38 6.60 2.36 -19.39
CA GLU D 38 7.53 1.57 -20.18
C GLU D 38 8.27 0.56 -19.32
N GLU D 39 8.91 1.02 -18.25
CA GLU D 39 9.70 0.12 -17.41
C GLU D 39 8.83 -0.99 -16.84
N ILE D 40 7.67 -0.62 -16.27
CA ILE D 40 6.81 -1.61 -15.64
C ILE D 40 6.46 -2.70 -16.64
N MET D 41 6.21 -2.34 -17.91
CA MET D 41 5.74 -3.32 -18.88
C MET D 41 6.84 -4.26 -19.34
N LYS D 42 8.11 -3.87 -19.21
CA LYS D 42 9.19 -4.68 -19.75
C LYS D 42 9.18 -6.08 -19.14
N GLU D 43 9.65 -7.05 -19.94
CA GLU D 43 9.73 -8.43 -19.48
C GLU D 43 10.74 -8.61 -18.35
N THR D 44 11.69 -7.67 -18.21
CA THR D 44 12.66 -7.68 -17.12
C THR D 44 12.19 -6.89 -15.90
N ASN D 45 10.87 -6.79 -15.73
CA ASN D 45 10.18 -6.11 -14.63
C ASN D 45 8.95 -6.97 -14.34
N LEU D 46 7.96 -6.41 -13.64
CA LEU D 46 6.62 -6.99 -13.75
C LEU D 46 6.25 -6.91 -15.23
N TYR D 47 5.76 -7.99 -15.82
CA TYR D 47 5.50 -8.01 -17.26
C TYR D 47 4.06 -7.59 -17.55
N ALA D 48 3.85 -6.90 -18.67
CA ALA D 48 2.50 -6.46 -19.03
C ALA D 48 2.41 -5.95 -20.45
N GLU D 49 1.17 -5.98 -20.99
CA GLU D 49 0.86 -5.41 -22.29
C GLU D 49 0.43 -3.95 -22.21
N GLN D 50 -0.12 -3.52 -21.08
CA GLN D 50 -0.55 -2.15 -20.87
C GLN D 50 -0.53 -1.86 -19.38
N VAL D 51 -0.69 -0.59 -19.03
CA VAL D 51 -0.68 -0.18 -17.63
C VAL D 51 -1.60 1.01 -17.44
N GLY D 52 -2.44 0.95 -16.39
CA GLY D 52 -3.35 2.01 -16.08
C GLY D 52 -3.14 2.52 -14.66
N PHE D 53 -3.76 3.66 -14.37
CA PHE D 53 -3.61 4.35 -13.10
C PHE D 53 -4.98 4.73 -12.55
N ILE D 54 -5.21 4.42 -11.28
CA ILE D 54 -6.54 4.45 -10.68
C ILE D 54 -6.71 5.71 -9.82
N LYS D 55 -7.93 6.24 -9.82
CA LYS D 55 -8.29 7.33 -8.92
C LYS D 55 -9.80 7.23 -8.72
N ASP D 56 -10.21 6.70 -7.56
CA ASP D 56 -11.63 6.50 -7.24
C ASP D 56 -12.21 5.56 -8.29
N SER D 57 -13.19 5.97 -9.10
CA SER D 57 -13.78 5.12 -10.12
C SER D 57 -13.23 5.39 -11.51
N HIS D 58 -12.17 6.18 -11.63
CA HIS D 58 -11.60 6.55 -12.93
C HIS D 58 -10.35 5.75 -13.21
N LEU D 59 -10.15 5.42 -14.49
CA LEU D 59 -8.99 4.66 -14.96
C LEU D 59 -8.26 5.47 -16.01
N GLN D 60 -7.03 5.85 -15.71
CA GLN D 60 -6.21 6.67 -16.61
C GLN D 60 -5.20 5.76 -17.30
N MET D 61 -5.50 5.38 -18.54
CA MET D 61 -4.57 4.57 -19.31
C MET D 61 -3.29 5.36 -19.56
N MET D 62 -2.21 4.61 -19.87
CA MET D 62 -0.88 5.21 -19.90
C MET D 62 -0.77 6.32 -20.94
N GLY D 63 -1.59 6.28 -21.98
CA GLY D 63 -1.50 7.28 -23.03
C GLY D 63 -2.70 8.20 -23.12
N GLY D 64 -3.78 7.85 -22.41
CA GLY D 64 -5.00 8.62 -22.48
C GLY D 64 -5.97 8.07 -23.50
N GLU D 65 -6.03 6.74 -23.61
CA GLU D 65 -6.83 6.05 -24.60
C GLU D 65 -7.71 5.02 -23.93
N PHE D 66 -8.80 4.65 -24.60
CA PHE D 66 -9.76 3.74 -24.03
C PHE D 66 -9.32 2.30 -24.25
N SER D 67 -9.56 1.46 -23.26
CA SER D 67 -9.31 0.03 -23.37
C SER D 67 -10.48 -0.70 -22.69
N GLY D 68 -11.27 -1.42 -23.48
CA GLY D 68 -12.32 -2.24 -22.91
C GLY D 68 -11.78 -3.35 -22.04
N ASN D 69 -10.59 -3.86 -22.36
CA ASN D 69 -9.98 -4.89 -21.53
C ASN D 69 -9.54 -4.32 -20.18
N ALA D 70 -8.78 -3.21 -20.21
CA ALA D 70 -8.36 -2.58 -18.96
C ALA D 70 -9.58 -2.21 -18.11
N SER D 71 -10.58 -1.60 -18.73
CA SER D 71 -11.78 -1.21 -18.00
C SER D 71 -12.45 -2.42 -17.35
N ARG D 72 -12.52 -3.54 -18.09
CA ARG D 72 -13.06 -4.77 -17.51
C ARG D 72 -12.18 -5.27 -16.38
N ALA D 73 -10.87 -5.07 -16.47
CA ALA D 73 -9.98 -5.46 -15.39
C ALA D 73 -10.18 -4.58 -14.16
N PHE D 74 -10.34 -3.27 -14.37
CA PHE D 74 -10.63 -2.37 -13.26
C PHE D 74 -11.92 -2.75 -12.57
N ALA D 75 -13.00 -2.92 -13.32
CA ALA D 75 -14.27 -3.27 -12.70
C ALA D 75 -14.13 -4.57 -11.91
N SER D 76 -13.48 -5.58 -12.50
CA SER D 76 -13.26 -6.83 -11.78
C SER D 76 -12.52 -6.58 -10.47
N LEU D 77 -11.57 -5.64 -10.48
CA LEU D 77 -10.85 -5.30 -9.25
C LEU D 77 -11.78 -4.68 -8.22
N LEU D 78 -12.63 -3.74 -8.66
CA LEU D 78 -13.60 -3.16 -7.74
C LEU D 78 -14.46 -4.24 -7.10
N ALA D 79 -14.84 -5.25 -7.89
CA ALA D 79 -15.59 -6.37 -7.34
C ALA D 79 -14.75 -7.18 -6.38
N PHE D 80 -13.47 -7.38 -6.71
CA PHE D 80 -12.57 -8.12 -5.84
C PHE D 80 -12.43 -7.45 -4.48
N ARG D 81 -12.48 -6.12 -4.44
CA ARG D 81 -12.30 -5.37 -3.20
C ARG D 81 -13.60 -5.04 -2.51
N ASP D 82 -14.74 -5.43 -3.07
CA ASP D 82 -16.05 -5.19 -2.47
C ASP D 82 -16.40 -6.37 -1.57
N LYS D 83 -16.45 -6.13 -0.26
CA LYS D 83 -16.81 -7.19 0.67
C LYS D 83 -18.23 -7.70 0.44
N ASP D 84 -19.09 -6.89 -0.17
CA ASP D 84 -20.50 -7.23 -0.35
C ASP D 84 -20.79 -7.89 -1.68
N PHE D 85 -19.82 -7.98 -2.58
CA PHE D 85 -20.02 -8.73 -3.82
C PHE D 85 -20.39 -10.17 -3.50
N SER D 86 -21.38 -10.69 -4.22
CA SER D 86 -21.82 -12.06 -4.02
C SER D 86 -21.66 -12.87 -5.31
N LYS D 87 -22.61 -12.74 -6.23
CA LYS D 87 -22.55 -13.40 -7.52
C LYS D 87 -22.55 -12.43 -8.70
N GLN D 88 -23.23 -11.29 -8.58
CA GLN D 88 -23.28 -10.28 -9.63
C GLN D 88 -23.32 -8.91 -8.96
N LYS D 89 -22.81 -7.91 -9.68
CA LYS D 89 -22.92 -6.52 -9.25
C LYS D 89 -22.45 -5.64 -10.38
N ASN D 90 -23.18 -4.56 -10.64
CA ASN D 90 -22.82 -3.60 -11.65
C ASN D 90 -21.97 -2.49 -11.02
N TYR D 91 -20.95 -2.05 -11.75
CA TYR D 91 -20.03 -1.03 -11.27
C TYR D 91 -19.92 0.06 -12.32
N ASN D 92 -20.12 1.31 -11.90
CA ASN D 92 -19.99 2.45 -12.78
C ASN D 92 -18.57 2.99 -12.68
N ILE D 93 -17.85 2.99 -13.81
CA ILE D 93 -16.49 3.46 -13.86
C ILE D 93 -16.36 4.44 -15.03
N THR D 94 -15.18 5.04 -15.14
CA THR D 94 -14.82 5.90 -16.26
C THR D 94 -13.42 5.52 -16.72
N CYS D 95 -13.11 5.88 -17.96
CA CYS D 95 -11.81 5.59 -18.53
C CYS D 95 -11.43 6.66 -19.53
N SER D 96 -10.15 7.05 -19.50
CA SER D 96 -9.65 8.06 -20.42
C SER D 96 -9.95 7.69 -21.87
N GLY D 97 -10.39 8.68 -22.63
CA GLY D 97 -10.75 8.45 -24.01
C GLY D 97 -12.18 8.03 -24.24
N GLU D 98 -12.99 7.97 -23.19
CA GLU D 98 -14.41 7.64 -23.28
C GLU D 98 -15.19 8.65 -22.43
N SER D 99 -16.08 9.39 -23.07
CA SER D 99 -16.77 10.49 -22.40
C SER D 99 -17.96 10.05 -21.58
N LYS D 100 -18.57 8.91 -21.91
CA LYS D 100 -19.73 8.41 -21.21
C LYS D 100 -19.32 7.48 -20.08
N VAL D 101 -20.09 7.50 -19.00
CA VAL D 101 -19.85 6.61 -17.87
C VAL D 101 -20.06 5.17 -18.30
N LEU D 102 -19.16 4.28 -17.89
CA LEU D 102 -19.18 2.89 -18.31
C LEU D 102 -19.72 2.04 -17.17
N ASP D 103 -20.99 1.62 -17.30
CA ASP D 103 -21.57 0.65 -16.39
C ASP D 103 -21.11 -0.75 -16.80
N VAL D 104 -20.47 -1.46 -15.87
CA VAL D 104 -19.87 -2.77 -16.14
C VAL D 104 -20.56 -3.81 -15.28
N ASP D 105 -20.94 -4.93 -15.90
CA ASP D 105 -21.63 -6.03 -15.23
C ASP D 105 -20.62 -7.11 -14.88
N VAL D 106 -20.15 -7.09 -13.65
CA VAL D 106 -19.19 -8.08 -13.17
C VAL D 106 -19.94 -9.24 -12.52
N ARG D 107 -19.50 -10.46 -12.80
CA ARG D 107 -20.06 -11.65 -12.20
C ARG D 107 -18.93 -12.57 -11.76
N ASN D 108 -19.23 -13.46 -10.81
CA ASN D 108 -18.23 -14.41 -10.32
C ASN D 108 -18.05 -15.52 -11.35
N ASP D 109 -16.80 -15.99 -11.47
CA ASP D 109 -16.43 -16.99 -12.47
C ASP D 109 -15.59 -18.08 -11.78
N GLY D 110 -16.25 -18.87 -10.93
CA GLY D 110 -15.59 -19.99 -10.30
C GLY D 110 -15.04 -19.69 -8.92
N ALA D 111 -13.96 -18.91 -8.87
CA ALA D 111 -13.27 -18.58 -7.63
C ALA D 111 -13.41 -17.09 -7.33
N LYS D 112 -12.84 -16.67 -6.20
CA LYS D 112 -12.98 -15.28 -5.79
C LYS D 112 -12.14 -14.34 -6.66
N ASN D 113 -11.05 -14.83 -7.23
CA ASN D 113 -10.18 -14.01 -8.05
C ASN D 113 -10.59 -13.98 -9.52
N LYS D 114 -11.49 -14.87 -9.94
CA LYS D 114 -11.90 -14.96 -11.34
C LYS D 114 -13.28 -14.36 -11.51
N PHE D 115 -13.47 -13.65 -12.61
CA PHE D 115 -14.69 -12.89 -12.84
C PHE D 115 -15.10 -12.98 -14.31
N LEU D 116 -16.28 -12.44 -14.60
CA LEU D 116 -16.76 -12.27 -15.97
C LEU D 116 -17.37 -10.88 -16.05
N ALA D 117 -16.77 -10.00 -16.86
CA ALA D 117 -17.13 -8.59 -16.89
C ALA D 117 -17.61 -8.19 -18.28
N LYS D 118 -18.83 -7.68 -18.36
CA LYS D 118 -19.42 -7.18 -19.59
C LYS D 118 -19.37 -5.66 -19.61
N ILE D 119 -18.97 -5.08 -20.74
CA ILE D 119 -18.82 -3.64 -20.88
C ILE D 119 -19.38 -3.20 -22.22
N LYS D 120 -19.80 -1.93 -22.29
CA LYS D 120 -20.28 -1.33 -23.52
C LYS D 120 -19.10 -0.72 -24.27
N MET D 121 -19.02 -1.01 -25.57
CA MET D 121 -17.87 -0.59 -26.36
C MET D 121 -18.23 0.59 -27.25
N PRO D 122 -17.23 1.39 -27.64
CA PRO D 122 -17.50 2.49 -28.57
C PRO D 122 -18.13 1.99 -29.86
N LYS D 123 -19.00 2.83 -30.43
CA LYS D 123 -19.65 2.51 -31.69
C LYS D 123 -18.72 2.81 -32.85
N PHE D 124 -18.89 2.06 -33.94
CA PHE D 124 -18.05 2.25 -35.12
C PHE D 124 -18.44 3.54 -35.83
N LEU D 125 -17.49 4.11 -36.56
CA LEU D 125 -17.74 5.31 -37.34
C LEU D 125 -17.98 5.02 -38.81
N SER D 126 -17.48 3.90 -39.33
CA SER D 126 -17.72 3.49 -40.71
C SER D 126 -17.64 1.97 -40.79
N LEU D 127 -18.40 1.41 -41.72
CA LEU D 127 -18.42 -0.03 -41.97
C LEU D 127 -18.50 -0.23 -43.48
N GLU D 128 -17.47 -0.85 -44.04
CA GLU D 128 -17.34 -1.00 -45.49
C GLU D 128 -16.93 -2.44 -45.79
N GLU D 129 -16.87 -2.76 -47.11
CA GLU D 129 -16.43 -4.08 -47.59
C GLU D 129 -15.53 -3.83 -48.80
N ILE D 130 -14.26 -3.49 -48.52
CA ILE D 130 -13.31 -3.20 -49.59
C ILE D 130 -12.85 -4.51 -50.23
N ASN D 131 -12.23 -4.38 -51.41
CA ASN D 131 -11.76 -5.55 -52.18
C ASN D 131 -10.35 -5.26 -52.68
N VAL D 132 -9.35 -5.64 -51.89
CA VAL D 132 -7.96 -5.42 -52.27
C VAL D 132 -7.52 -6.58 -53.17
N ASP D 133 -6.98 -6.24 -54.35
CA ASP D 133 -6.57 -7.25 -55.31
C ASP D 133 -7.70 -8.24 -55.55
N GLU D 134 -7.46 -9.51 -55.21
CA GLU D 134 -8.44 -10.58 -55.42
C GLU D 134 -9.14 -10.99 -54.13
N TYR D 135 -8.76 -10.41 -53.00
CA TYR D 135 -9.31 -10.79 -51.70
C TYR D 135 -10.33 -9.75 -51.25
N LYS D 136 -11.38 -10.22 -50.57
CA LYS D 136 -12.43 -9.36 -50.04
C LYS D 136 -12.30 -9.33 -48.52
N LEU D 137 -12.18 -8.14 -47.96
CA LEU D 137 -11.93 -7.93 -46.55
C LEU D 137 -12.96 -6.94 -46.01
N GLY D 138 -12.94 -6.75 -44.69
CA GLY D 138 -13.81 -5.82 -44.03
C GLY D 138 -13.05 -4.57 -43.56
N LEU D 139 -13.82 -3.56 -43.19
CA LEU D 139 -13.24 -2.28 -42.77
C LEU D 139 -14.22 -1.62 -41.79
N VAL D 140 -13.97 -1.82 -40.51
CA VAL D 140 -14.73 -1.17 -39.44
C VAL D 140 -13.83 -0.09 -38.88
N ARG D 141 -13.99 1.14 -39.36
CA ARG D 141 -13.17 2.25 -38.87
C ARG D 141 -13.58 2.64 -37.45
N PHE D 142 -12.63 3.20 -36.71
CA PHE D 142 -12.86 3.64 -35.34
C PHE D 142 -12.13 4.95 -35.11
N SER D 143 -12.48 5.63 -34.02
CA SER D 143 -11.86 6.90 -33.65
C SER D 143 -10.48 6.63 -33.05
N GLY D 144 -9.51 6.41 -33.94
CA GLY D 144 -8.16 6.12 -33.51
C GLY D 144 -7.49 5.02 -34.30
N ILE D 145 -8.24 3.95 -34.58
CA ILE D 145 -7.71 2.78 -35.28
C ILE D 145 -8.71 2.35 -36.36
N ASN D 146 -8.19 1.65 -37.36
CA ASN D 146 -9.00 1.08 -38.44
C ASN D 146 -8.76 -0.43 -38.49
N HIS D 147 -9.74 -1.20 -38.01
CA HIS D 147 -9.65 -2.65 -38.05
C HIS D 147 -10.12 -3.18 -39.39
N PHE D 148 -9.37 -4.13 -39.94
CA PHE D 148 -9.76 -4.85 -41.15
C PHE D 148 -10.18 -6.26 -40.77
N ILE D 149 -11.21 -6.76 -41.45
CA ILE D 149 -11.72 -8.11 -41.23
C ILE D 149 -11.39 -8.96 -42.45
N PHE D 150 -10.93 -10.19 -42.20
CA PHE D 150 -10.68 -11.15 -43.26
C PHE D 150 -11.28 -12.48 -42.84
N ASN D 151 -12.14 -13.04 -43.69
CA ASN D 151 -12.72 -14.36 -43.48
C ASN D 151 -11.95 -15.38 -44.30
N ILE D 152 -11.50 -16.45 -43.64
CA ILE D 152 -10.63 -17.41 -44.31
C ILE D 152 -11.44 -18.38 -45.17
N LYS D 153 -12.49 -18.96 -44.59
CA LYS D 153 -13.36 -19.84 -45.38
C LYS D 153 -13.90 -19.12 -46.60
N GLU D 154 -14.47 -17.94 -46.40
CA GLU D 154 -15.07 -17.21 -47.52
C GLU D 154 -14.01 -16.83 -48.55
N ASN D 155 -12.84 -16.41 -48.10
CA ASN D 155 -11.77 -16.03 -49.01
C ASN D 155 -10.97 -17.26 -49.44
N LYS D 156 -10.07 -17.06 -50.40
CA LYS D 156 -9.32 -18.15 -50.99
C LYS D 156 -7.94 -18.27 -50.33
N GLU D 157 -7.16 -19.25 -50.80
CA GLU D 157 -5.84 -19.51 -50.23
C GLU D 157 -5.00 -18.24 -50.22
N THR D 158 -4.27 -18.04 -49.12
CA THR D 158 -3.47 -16.84 -48.95
C THR D 158 -2.45 -17.06 -47.84
N SER D 159 -1.56 -16.09 -47.69
CA SER D 159 -0.63 -16.02 -46.58
C SER D 159 -0.96 -14.81 -45.72
N PHE D 160 -0.83 -14.95 -44.41
CA PHE D 160 -1.09 -13.81 -43.52
C PHE D 160 -0.24 -12.62 -43.92
N GLU D 161 1.08 -12.80 -43.96
CA GLU D 161 1.99 -11.70 -44.29
C GLU D 161 1.63 -11.11 -45.65
N ASN D 162 1.20 -11.94 -46.60
CA ASN D 162 0.78 -11.43 -47.90
C ASN D 162 -0.33 -10.40 -47.75
N ILE D 163 -1.42 -10.77 -47.06
CA ILE D 163 -2.51 -9.83 -46.82
C ILE D 163 -2.00 -8.58 -46.11
N ILE D 164 -1.16 -8.77 -45.10
CA ILE D 164 -0.64 -7.64 -44.32
C ILE D 164 -0.03 -6.60 -45.25
N ASP D 165 0.84 -7.04 -46.16
CA ASP D 165 1.45 -6.12 -47.10
C ASP D 165 0.38 -5.43 -47.95
N LEU D 166 -0.57 -6.21 -48.47
CA LEU D 166 -1.64 -5.63 -49.28
C LEU D 166 -2.36 -4.53 -48.52
N VAL D 167 -2.81 -4.84 -47.30
CA VAL D 167 -3.49 -3.83 -46.49
C VAL D 167 -2.58 -2.62 -46.30
N LYS D 168 -1.38 -2.84 -45.77
CA LYS D 168 -0.46 -1.74 -45.53
C LYS D 168 -0.30 -0.85 -46.76
N LYS D 169 -0.37 -1.43 -47.96
CA LYS D 169 -0.31 -0.63 -49.17
C LYS D 169 -1.65 0.06 -49.46
N TYR D 170 -2.76 -0.47 -48.94
CA TYR D 170 -3.99 0.30 -48.93
C TYR D 170 -3.80 1.60 -48.17
N LEU D 171 -3.33 1.51 -46.92
CA LEU D 171 -3.20 2.69 -46.07
C LEU D 171 -2.14 3.67 -46.55
N SER D 172 -1.48 3.39 -47.68
CA SER D 172 -0.52 4.36 -48.22
C SER D 172 -1.16 5.72 -48.40
N ASN D 173 -2.43 5.77 -48.80
CA ASN D 173 -3.11 7.05 -49.00
C ASN D 173 -3.52 7.68 -47.68
N GLU D 174 -3.97 6.87 -46.73
CA GLU D 174 -4.51 7.36 -45.47
C GLU D 174 -3.41 7.63 -44.46
N GLU D 175 -3.52 8.76 -43.76
CA GLU D 175 -2.65 9.05 -42.62
C GLU D 175 -3.28 8.42 -41.38
N TYR D 176 -2.54 7.52 -40.74
CA TYR D 176 -3.07 6.75 -39.63
C TYR D 176 -1.95 6.43 -38.65
N SER D 177 -2.34 6.25 -37.38
CA SER D 177 -1.38 5.93 -36.34
C SER D 177 -1.25 4.43 -36.12
N ALA D 178 -2.30 3.65 -36.39
CA ALA D 178 -2.27 2.21 -36.20
C ALA D 178 -3.48 1.60 -36.89
N PHE D 179 -3.37 0.30 -37.19
CA PHE D 179 -4.46 -0.43 -37.82
C PHE D 179 -4.41 -1.88 -37.33
N GLY D 180 -5.39 -2.66 -37.76
CA GLY D 180 -5.48 -4.05 -37.34
C GLY D 180 -6.09 -4.91 -38.41
N ILE D 181 -5.78 -6.20 -38.34
CA ILE D 181 -6.31 -7.20 -39.26
C ILE D 181 -6.78 -8.38 -38.43
N MET D 182 -8.08 -8.63 -38.43
CA MET D 182 -8.67 -9.73 -37.69
C MET D 182 -8.78 -10.93 -38.62
N PHE D 183 -7.78 -11.81 -38.59
CA PHE D 183 -7.79 -13.05 -39.36
C PHE D 183 -8.76 -14.02 -38.70
N PHE D 184 -9.96 -14.11 -39.26
CA PHE D 184 -11.10 -14.74 -38.58
C PHE D 184 -11.47 -16.04 -39.27
N ASP D 185 -11.48 -17.13 -38.50
CA ASP D 185 -11.88 -18.45 -38.99
C ASP D 185 -13.33 -18.69 -38.62
N SER D 186 -14.18 -18.89 -39.63
CA SER D 186 -15.60 -19.06 -39.38
C SER D 186 -15.94 -20.43 -38.81
N ASP D 187 -15.12 -21.44 -39.09
CA ASP D 187 -15.40 -22.78 -38.61
C ASP D 187 -15.13 -22.90 -37.12
N ASN D 188 -13.99 -22.39 -36.68
CA ASN D 188 -13.60 -22.43 -35.27
C ASN D 188 -14.00 -21.18 -34.50
N LEU D 189 -14.63 -20.21 -35.17
CA LEU D 189 -14.91 -18.91 -34.57
C LEU D 189 -13.64 -18.34 -33.93
N SER D 190 -12.51 -18.59 -34.59
CA SER D 190 -11.22 -18.10 -34.15
C SER D 190 -10.93 -16.74 -34.76
N MET D 191 -10.09 -15.97 -34.07
CA MET D 191 -9.68 -14.66 -34.55
C MET D 191 -8.25 -14.43 -34.11
N LYS D 192 -7.34 -14.24 -35.06
CA LYS D 192 -5.96 -13.90 -34.74
C LYS D 192 -5.81 -12.38 -34.92
N PRO D 193 -5.82 -11.59 -33.85
CA PRO D 193 -5.78 -10.13 -34.02
C PRO D 193 -4.38 -9.60 -34.28
N TYR D 194 -4.06 -9.39 -35.55
CA TYR D 194 -2.83 -8.71 -35.92
C TYR D 194 -3.01 -7.20 -35.75
N VAL D 195 -1.96 -6.55 -35.25
CA VAL D 195 -1.97 -5.11 -35.01
C VAL D 195 -0.64 -4.54 -35.48
N TYR D 196 -0.65 -3.24 -35.78
CA TYR D 196 0.52 -2.56 -36.33
C TYR D 196 0.47 -1.09 -35.94
N VAL D 197 1.65 -0.52 -35.70
CA VAL D 197 1.78 0.90 -35.37
C VAL D 197 2.97 1.46 -36.13
N LYS D 198 2.81 2.67 -36.67
CA LYS D 198 3.90 3.30 -37.41
C LYS D 198 5.14 3.44 -36.54
N GLU D 199 4.97 3.95 -35.32
CA GLU D 199 6.12 4.16 -34.44
C GLU D 199 6.79 2.84 -34.08
N VAL D 200 6.02 1.75 -34.04
CA VAL D 200 6.63 0.45 -33.80
C VAL D 200 7.37 -0.03 -35.04
N GLY D 201 6.83 0.24 -36.22
CA GLY D 201 7.42 -0.23 -37.45
C GLY D 201 7.31 -1.72 -37.66
N SER D 202 6.50 -2.40 -36.86
CA SER D 202 6.36 -3.85 -36.94
C SER D 202 5.04 -4.24 -36.30
N GLY D 203 4.53 -5.39 -36.70
CA GLY D 203 3.27 -5.89 -36.20
C GLY D 203 3.43 -6.90 -35.08
N VAL D 204 2.33 -7.14 -34.38
CA VAL D 204 2.30 -8.12 -33.29
C VAL D 204 0.92 -8.75 -33.28
N TYR D 205 0.86 -10.03 -32.89
CA TYR D 205 -0.38 -10.77 -32.80
C TYR D 205 -0.79 -10.80 -31.32
N GLU D 206 -1.87 -10.10 -31.00
CA GLU D 206 -2.25 -9.93 -29.61
C GLU D 206 -2.93 -11.19 -29.06
N ASN D 207 -2.86 -11.34 -27.74
CA ASN D 207 -3.60 -12.41 -27.08
C ASN D 207 -5.09 -12.21 -27.21
N SER D 208 -5.56 -10.97 -27.08
CA SER D 208 -6.96 -10.63 -27.24
C SER D 208 -7.07 -9.20 -27.76
N CYS D 209 -8.20 -8.92 -28.41
CA CYS D 209 -8.50 -7.58 -28.91
C CYS D 209 -9.98 -7.31 -28.70
N ALA D 210 -10.30 -6.43 -27.74
CA ALA D 210 -11.69 -6.07 -27.49
C ALA D 210 -12.27 -5.28 -28.65
N SER D 211 -11.56 -4.26 -29.13
CA SER D 211 -12.03 -3.49 -30.27
C SER D 211 -12.08 -4.33 -31.53
N GLY D 212 -11.16 -5.30 -31.66
CA GLY D 212 -11.17 -6.15 -32.85
C GLY D 212 -12.31 -7.15 -32.85
N THR D 213 -12.63 -7.71 -31.69
CA THR D 213 -13.84 -8.51 -31.58
C THR D 213 -15.08 -7.68 -31.86
N THR D 214 -15.09 -6.43 -31.39
CA THR D 214 -16.19 -5.53 -31.71
C THR D 214 -16.30 -5.32 -33.21
N ALA D 215 -15.16 -5.10 -33.88
CA ALA D 215 -15.18 -4.91 -35.33
C ALA D 215 -15.75 -6.14 -36.02
N LEU D 216 -15.32 -7.33 -35.60
CA LEU D 216 -15.82 -8.56 -36.20
C LEU D 216 -17.32 -8.73 -35.93
N GLY D 217 -17.76 -8.41 -34.72
CA GLY D 217 -19.18 -8.50 -34.42
C GLY D 217 -20.02 -7.63 -35.32
N TYR D 218 -19.63 -6.35 -35.46
CA TYR D 218 -20.33 -5.46 -36.39
C TYR D 218 -20.37 -6.07 -37.79
N TYR D 219 -19.21 -6.49 -38.29
CA TYR D 219 -19.13 -7.05 -39.63
C TYR D 219 -19.96 -8.32 -39.77
N LEU D 220 -20.06 -9.11 -38.70
CA LEU D 220 -20.85 -10.34 -38.75
C LEU D 220 -22.34 -10.07 -38.68
N LYS D 221 -22.75 -8.99 -38.03
CA LYS D 221 -24.17 -8.65 -37.91
C LYS D 221 -24.73 -8.10 -39.21
N LYS D 222 -23.88 -7.68 -40.15
CA LYS D 222 -24.31 -7.26 -41.46
C LYS D 222 -24.27 -8.40 -42.47
N CYS D 223 -23.21 -9.22 -42.42
CA CYS D 223 -23.02 -10.29 -43.39
C CYS D 223 -23.90 -11.50 -43.10
N LYS D 224 -23.87 -11.99 -41.86
CA LYS D 224 -24.65 -13.15 -41.44
C LYS D 224 -25.89 -12.75 -40.64
N ASN D 225 -25.84 -11.62 -39.94
CA ASN D 225 -26.88 -11.23 -38.99
C ASN D 225 -26.69 -11.99 -37.69
N LEU D 226 -25.45 -12.36 -37.37
CA LEU D 226 -25.13 -12.98 -36.09
C LEU D 226 -25.11 -11.91 -35.01
N ASP D 227 -26.00 -12.03 -34.04
CA ASP D 227 -26.18 -11.00 -33.01
C ASP D 227 -25.29 -11.22 -31.78
N ARG D 228 -24.64 -12.38 -31.65
CA ARG D 228 -23.72 -12.61 -30.55
C ARG D 228 -22.93 -13.89 -30.84
N ALA D 229 -21.71 -13.95 -30.32
CA ALA D 229 -20.88 -15.13 -30.52
C ALA D 229 -19.61 -14.99 -29.69
N LYS D 230 -19.16 -16.11 -29.13
CA LYS D 230 -17.88 -16.16 -28.43
C LYS D 230 -16.77 -16.34 -29.45
N ILE D 231 -15.78 -15.44 -29.41
CA ILE D 231 -14.70 -15.44 -30.39
C ILE D 231 -13.44 -15.90 -29.67
N VAL D 232 -13.06 -17.15 -29.91
CA VAL D 232 -11.81 -17.67 -29.38
C VAL D 232 -10.64 -16.92 -30.01
N GLN D 233 -9.66 -16.55 -29.20
CA GLN D 233 -8.51 -15.78 -29.60
C GLN D 233 -7.26 -16.43 -29.05
N PRO D 234 -6.06 -16.00 -29.50
CA PRO D 234 -4.84 -16.74 -29.17
C PRO D 234 -4.72 -17.13 -27.70
N ASN D 235 -4.72 -16.15 -26.80
CA ASN D 235 -4.54 -16.43 -25.38
C ASN D 235 -5.74 -15.95 -24.57
N GLY D 236 -6.94 -16.24 -25.05
CA GLY D 236 -8.15 -15.85 -24.36
C GLY D 236 -9.32 -15.87 -25.30
N TRP D 237 -10.49 -15.55 -24.74
CA TRP D 237 -11.73 -15.50 -25.51
C TRP D 237 -12.59 -14.35 -25.02
N LEU D 238 -13.32 -13.75 -25.97
CA LEU D 238 -14.25 -12.67 -25.70
C LEU D 238 -15.55 -12.94 -26.45
N GLU D 239 -16.67 -12.57 -25.83
CA GLU D 239 -17.98 -12.72 -26.45
C GLU D 239 -18.53 -11.34 -26.80
N TYR D 240 -18.79 -11.11 -28.07
CA TYR D 240 -19.48 -9.92 -28.53
C TYR D 240 -20.98 -10.15 -28.46
N ILE D 241 -21.72 -9.10 -28.08
CA ILE D 241 -23.17 -9.20 -27.96
C ILE D 241 -23.80 -7.87 -28.37
N ILE D 242 -24.47 -7.85 -29.52
CA ILE D 242 -25.17 -6.68 -30.01
C ILE D 242 -26.56 -6.69 -29.42
N GLU D 243 -27.00 -5.54 -28.90
CA GLU D 243 -28.27 -5.48 -28.20
C GLU D 243 -28.78 -4.06 -28.27
N ASN D 244 -29.97 -3.88 -28.82
CA ASN D 244 -30.58 -2.57 -28.97
C ASN D 244 -29.56 -1.58 -29.54
N ASP D 245 -29.04 -1.94 -30.71
CA ASP D 245 -28.00 -1.18 -31.41
C ASP D 245 -26.94 -0.65 -30.44
N GLU D 246 -26.49 -1.54 -29.55
CA GLU D 246 -25.38 -1.25 -28.64
C GLU D 246 -24.46 -2.47 -28.57
N MET D 247 -23.18 -2.26 -28.84
CA MET D 247 -22.17 -3.32 -28.76
C MET D 247 -21.71 -3.52 -27.32
N TYR D 248 -21.54 -4.78 -26.93
CA TYR D 248 -21.03 -5.12 -25.60
C TYR D 248 -20.01 -6.23 -25.75
N ILE D 249 -18.90 -6.11 -25.03
CA ILE D 249 -17.85 -7.11 -25.03
C ILE D 249 -17.83 -7.77 -23.65
N ASP D 250 -18.12 -9.06 -23.61
CA ASP D 250 -18.04 -9.89 -22.43
C ASP D 250 -16.77 -10.73 -22.49
N GLY D 251 -16.28 -11.13 -21.31
CA GLY D 251 -15.12 -11.99 -21.24
C GLY D 251 -14.59 -12.19 -19.83
N PRO D 252 -13.60 -13.07 -19.67
CA PRO D 252 -13.07 -13.35 -18.34
C PRO D 252 -11.92 -12.46 -17.93
N VAL D 253 -11.82 -12.27 -16.61
CA VAL D 253 -10.77 -11.47 -15.98
C VAL D 253 -10.37 -12.18 -14.69
N GLU D 254 -9.08 -12.48 -14.55
CA GLU D 254 -8.53 -13.09 -13.34
C GLU D 254 -7.57 -12.12 -12.67
N ILE D 255 -7.73 -11.93 -11.36
CA ILE D 255 -6.79 -11.14 -10.58
C ILE D 255 -5.57 -12.03 -10.29
N ILE D 256 -4.40 -11.59 -10.74
CA ILE D 256 -3.20 -12.42 -10.67
C ILE D 256 -2.47 -12.14 -9.36
N ALA D 257 -2.05 -10.90 -9.15
CA ALA D 257 -1.24 -10.57 -7.98
C ALA D 257 -1.41 -9.10 -7.65
N GLU D 258 -0.85 -8.70 -6.51
CA GLU D 258 -0.92 -7.32 -6.05
C GLU D 258 0.09 -7.12 -4.94
N GLY D 259 0.63 -5.91 -4.85
CA GLY D 259 1.58 -5.58 -3.81
C GLY D 259 2.33 -4.31 -4.09
N LYS D 260 3.66 -4.38 -4.09
CA LYS D 260 4.51 -3.21 -4.23
C LYS D 260 5.55 -3.46 -5.32
N ILE D 261 5.76 -2.46 -6.17
CA ILE D 261 6.77 -2.51 -7.22
C ILE D 261 7.79 -1.41 -6.95
N TYR D 262 9.08 -1.72 -7.16
CA TYR D 262 10.16 -0.80 -6.88
C TYR D 262 10.79 -0.33 -8.18
N ILE D 263 10.85 0.98 -8.38
CA ILE D 263 11.41 1.57 -9.58
C ILE D 263 12.45 2.61 -9.16
N GLY D 264 13.67 2.45 -9.67
CA GLY D 264 14.69 3.47 -9.44
C GLY D 264 14.34 4.75 -10.17
N LYS D 265 14.85 5.86 -9.65
CA LYS D 265 14.63 7.16 -10.27
C LYS D 265 15.77 7.49 -11.22
S SO4 E . -20.17 22.60 13.08
O1 SO4 E . -19.17 22.70 12.03
O2 SO4 E . -20.35 21.19 13.47
O3 SO4 E . -19.73 23.37 14.25
O4 SO4 E . -21.43 23.14 12.60
S SO4 F . -19.06 20.52 32.57
O1 SO4 F . -17.65 20.79 32.32
O2 SO4 F . -19.27 19.08 32.73
O3 SO4 F . -19.48 21.21 33.79
O4 SO4 F . -19.86 20.99 31.43
S SO4 G . 21.40 -20.85 -13.86
O1 SO4 G . 22.77 -20.70 -14.35
O2 SO4 G . 21.11 -22.28 -13.74
O3 SO4 G . 21.29 -20.21 -12.55
O4 SO4 G . 20.46 -20.24 -14.80
S SO4 H . 13.09 -28.10 -29.40
O1 SO4 H . 14.51 -27.77 -29.20
O2 SO4 H . 12.87 -29.50 -29.04
O3 SO4 H . 12.28 -27.24 -28.54
O4 SO4 H . 12.74 -27.89 -30.79
S SO4 I . 7.88 1.87 26.71
O1 SO4 I . 9.02 2.79 26.85
O2 SO4 I . 8.36 0.53 27.06
O3 SO4 I . 6.79 2.26 27.60
O4 SO4 I . 7.37 1.90 25.34
S SO4 J . 4.84 19.48 35.30
O1 SO4 J . 6.12 20.04 34.83
O2 SO4 J . 5.05 18.14 35.81
O3 SO4 J . 4.30 20.32 36.35
O4 SO4 J . 3.91 19.42 34.17
S SO4 K . -8.75 -2.91 -26.22
O1 SO4 K . -7.56 -2.57 -25.43
O2 SO4 K . -8.98 -4.36 -26.11
O3 SO4 K . -9.92 -2.19 -25.72
O4 SO4 K . -8.56 -2.53 -27.63
S SO4 L . 5.18 -7.65 -39.72
O1 SO4 L . 6.64 -7.62 -39.85
O2 SO4 L . 4.78 -8.87 -39.02
O3 SO4 L . 4.75 -6.49 -38.94
O4 SO4 L . 4.59 -7.63 -41.05
#